data_9JTZ
#
_entry.id   9JTZ
#
_cell.length_a   69.941
_cell.length_b   108.764
_cell.length_c   120.535
_cell.angle_alpha   90.00
_cell.angle_beta   90.00
_cell.angle_gamma   90.00
#
_symmetry.space_group_name_H-M   'P 21 21 21'
#
loop_
_entity.id
_entity.type
_entity.pdbx_description
1 polymer 'Membrane-associated phosphatidylinositol transfer protein 1'
2 non-polymer '(2R)-3-(phosphonooxy)propane-1,2-diyl dihexanoate'
3 non-polymer 2-oxidanylethanal
4 non-polymer 'CALCIUM ION'
5 water water
#
_entity_poly.entity_id   1
_entity_poly.type   'polypeptide(L)'
_entity_poly.pdbx_seq_one_letter_code
;SGSVKIRNVTSNHRASDTVVCEGRPQVLNGRFMYGPLDVVTLTGEKVDVYVMTQPLSGKWIHFGTEVTNSSGRLTFPVPS
ERALGIGVYPVRMVVRGDHTYAECCLTVVSRGTEAVVFSIDGSFTASVSIMGSDPKVRAGAVDVVRHWQDSGYLIVYVTG
RPDMQKHRVVAWLSQHNFPHGVVSFCDGLTHDPLRQKAMFLQSLVQEVELNIVAGYGSPKDVAVYAALGLSPSQTYIVGR
AVRKLQAQCQFLSDGYVAHLGQLEAGSHSHAPSGPPRAALAKSS
;
_entity_poly.pdbx_strand_id   A,B,C
#
# COMPACT_ATOMS: atom_id res chain seq x y z
N VAL A 9 1.86 -17.55 20.24
CA VAL A 9 2.09 -18.26 21.48
C VAL A 9 2.98 -17.47 22.42
N THR A 10 4.17 -17.11 21.94
CA THR A 10 5.13 -16.32 22.75
C THR A 10 4.60 -14.91 23.09
N SER A 11 4.80 -14.51 24.34
CA SER A 11 4.32 -13.22 24.81
C SER A 11 5.08 -12.09 24.16
N ASN A 12 4.37 -11.03 23.81
CA ASN A 12 4.99 -9.83 23.28
C ASN A 12 4.47 -8.61 24.02
N HIS A 13 4.87 -8.48 25.29
CA HIS A 13 4.41 -7.34 26.09
C HIS A 13 5.42 -6.21 26.05
N ARG A 14 4.92 -4.99 26.25
CA ARG A 14 5.80 -3.84 26.32
C ARG A 14 5.27 -2.86 27.35
N ALA A 15 6.18 -2.14 28.00
CA ALA A 15 5.77 -1.02 28.87
C ALA A 15 6.47 0.25 28.46
N SER A 16 5.79 1.39 28.57
CA SER A 16 6.40 2.61 28.10
C SER A 16 7.44 3.14 29.08
N ASP A 17 8.66 3.39 28.60
CA ASP A 17 9.60 4.22 29.37
C ASP A 17 8.86 5.53 29.66
N THR A 18 8.74 5.87 30.93
CA THR A 18 8.02 7.05 31.38
C THR A 18 9.01 8.01 31.98
N VAL A 19 8.92 9.29 31.59
CA VAL A 19 9.75 10.34 32.19
C VAL A 19 8.78 11.35 32.81
N VAL A 20 9.04 11.73 34.05
CA VAL A 20 8.07 12.57 34.73
C VAL A 20 8.75 13.57 35.66
N CYS A 21 8.20 14.77 35.68
CA CYS A 21 8.73 15.82 36.54
C CYS A 21 8.29 15.58 37.99
N GLU A 22 9.19 15.81 38.96
CA GLU A 22 8.84 15.56 40.37
C GLU A 22 7.61 16.32 40.87
N GLY A 23 6.84 15.67 41.73
CA GLY A 23 5.62 16.25 42.26
C GLY A 23 4.38 15.99 41.42
N ARG A 24 4.60 15.57 40.18
CA ARG A 24 3.51 15.36 39.25
C ARG A 24 2.96 13.93 39.34
N PRO A 25 1.73 13.74 38.88
CA PRO A 25 1.20 12.37 38.82
C PRO A 25 2.10 11.45 37.97
N GLN A 26 2.34 10.26 38.47
CA GLN A 26 3.18 9.30 37.78
C GLN A 26 2.31 8.21 37.17
N VAL A 27 2.32 8.09 35.86
CA VAL A 27 1.45 7.13 35.21
C VAL A 27 2.24 6.13 34.39
N LEU A 28 2.03 4.85 34.62
CA LEU A 28 2.73 3.87 33.83
C LEU A 28 1.80 3.23 32.81
N ASN A 29 2.31 2.99 31.62
CA ASN A 29 1.48 2.44 30.57
C ASN A 29 2.08 1.17 30.04
N GLY A 30 1.22 0.23 29.68
CA GLY A 30 1.70 -0.99 29.08
C GLY A 30 0.69 -1.55 28.12
N ARG A 31 1.16 -2.45 27.28
CA ARG A 31 0.31 -3.15 26.34
C ARG A 31 0.68 -4.64 26.34
N PHE A 32 -0.30 -5.52 26.23
CA PHE A 32 -0.04 -6.94 26.40
C PHE A 32 -0.59 -7.82 25.27
N MET A 33 0.29 -8.56 24.61
CA MET A 33 -0.01 -9.22 23.38
C MET A 33 0.78 -10.50 23.21
N TYR A 34 0.29 -11.37 22.35
CA TYR A 34 1.00 -12.62 22.05
C TYR A 34 1.14 -12.73 20.57
N GLY A 35 2.21 -13.38 20.12
CA GLY A 35 2.35 -13.59 18.71
C GLY A 35 3.31 -12.63 18.04
N PRO A 36 3.82 -13.04 16.89
CA PRO A 36 4.77 -12.24 16.12
C PRO A 36 4.15 -10.93 15.64
N LEU A 37 2.91 -11.02 15.21
CA LEU A 37 2.17 -9.87 14.71
C LEU A 37 1.33 -9.27 15.82
N ASP A 38 1.52 -9.76 17.04
CA ASP A 38 0.67 -9.39 18.14
C ASP A 38 -0.75 -9.79 17.79
N VAL A 39 -0.86 -10.96 17.17
CA VAL A 39 -2.14 -11.47 16.69
C VAL A 39 -3.11 -11.65 17.84
N VAL A 40 -2.64 -12.17 18.96
CA VAL A 40 -3.51 -12.28 20.12
C VAL A 40 -3.45 -11.06 21.03
N THR A 41 -4.60 -10.55 21.43
CA THR A 41 -4.68 -9.45 22.35
C THR A 41 -5.08 -9.90 23.75
N LEU A 42 -4.37 -9.46 24.78
CA LEU A 42 -4.69 -9.89 26.14
C LEU A 42 -5.73 -8.95 26.70
N THR A 43 -6.98 -9.36 26.62
CA THR A 43 -8.09 -8.48 26.96
C THR A 43 -8.67 -8.80 28.32
N GLY A 44 -8.92 -7.77 29.11
CA GLY A 44 -9.52 -7.92 30.43
C GLY A 44 -8.75 -8.77 31.44
N GLU A 45 -7.42 -8.67 31.46
CA GLU A 45 -6.65 -9.46 32.44
C GLU A 45 -5.96 -8.63 33.48
N LYS A 46 -5.81 -9.21 34.68
CA LYS A 46 -5.09 -8.57 35.75
C LYS A 46 -3.59 -8.58 35.51
N VAL A 47 -2.96 -7.42 35.66
CA VAL A 47 -1.52 -7.27 35.49
C VAL A 47 -1.00 -6.61 36.77
N ASP A 48 0.00 -7.20 37.39
CA ASP A 48 0.53 -6.61 38.59
C ASP A 48 1.69 -5.71 38.24
N VAL A 49 1.77 -4.53 38.85
CA VAL A 49 2.82 -3.58 38.53
C VAL A 49 3.82 -3.48 39.67
N TYR A 50 5.09 -3.72 39.36
CA TYR A 50 6.18 -3.65 40.32
C TYR A 50 7.19 -2.60 39.94
N VAL A 51 7.74 -1.98 40.97
CA VAL A 51 8.77 -0.98 40.84
C VAL A 51 9.96 -1.35 41.72
N MET A 52 11.16 -1.28 41.16
CA MET A 52 12.33 -1.54 41.97
C MET A 52 12.72 -0.21 42.62
N THR A 53 12.10 0.12 43.74
CA THR A 53 12.24 1.47 44.33
C THR A 53 13.66 1.80 44.78
N GLN A 54 14.42 0.77 45.10
CA GLN A 54 15.86 0.93 45.30
C GLN A 54 16.59 0.32 44.10
N PRO A 55 16.88 1.15 43.08
CA PRO A 55 17.27 0.70 41.72
C PRO A 55 18.43 -0.32 41.66
N LEU A 56 19.32 -0.38 42.64
CA LEU A 56 20.43 -1.32 42.58
C LEU A 56 20.19 -2.61 43.43
N SER A 57 19.05 -2.67 44.12
CA SER A 57 18.78 -3.72 45.12
C SER A 57 18.35 -5.07 44.57
N GLY A 58 17.73 -5.04 43.39
CA GLY A 58 17.15 -6.20 42.76
C GLY A 58 15.86 -6.64 43.42
N LYS A 59 15.32 -5.83 44.34
CA LYS A 59 14.11 -6.17 45.08
C LYS A 59 12.87 -5.46 44.52
N TRP A 60 11.86 -6.21 44.14
CA TRP A 60 10.65 -5.62 43.59
C TRP A 60 9.64 -5.27 44.68
N ILE A 61 8.93 -4.15 44.48
CA ILE A 61 7.84 -3.74 45.34
C ILE A 61 6.53 -3.76 44.57
N HIS A 62 5.52 -4.46 45.07
CA HIS A 62 4.22 -4.45 44.42
C HIS A 62 3.53 -3.07 44.60
N PHE A 63 3.20 -2.38 43.52
CA PHE A 63 2.57 -1.04 43.66
C PHE A 63 1.04 -1.07 43.44
N GLY A 64 0.54 -2.09 42.75
CA GLY A 64 -0.90 -2.21 42.54
C GLY A 64 -1.24 -3.08 41.35
N THR A 65 -2.50 -3.01 40.91
CA THR A 65 -2.99 -3.93 39.87
C THR A 65 -3.91 -3.23 38.88
N GLU A 66 -3.81 -3.55 37.61
CA GLU A 66 -4.78 -2.99 36.70
C GLU A 66 -5.29 -4.08 35.78
N VAL A 67 -6.38 -3.77 35.06
CA VAL A 67 -6.98 -4.73 34.11
C VAL A 67 -6.88 -4.23 32.68
N THR A 68 -6.38 -5.05 31.79
CA THR A 68 -6.27 -4.62 30.42
C THR A 68 -7.64 -4.44 29.79
N ASN A 69 -7.73 -3.46 28.90
CA ASN A 69 -8.94 -3.17 28.17
C ASN A 69 -8.99 -3.98 26.89
N SER A 70 -10.00 -3.71 26.07
CA SER A 70 -10.19 -4.51 24.86
C SER A 70 -9.03 -4.48 23.88
N SER A 71 -8.16 -3.49 23.96
CA SER A 71 -7.02 -3.42 23.04
C SER A 71 -5.75 -3.95 23.69
N GLY A 72 -5.89 -4.51 24.89
CA GLY A 72 -4.78 -5.06 25.66
C GLY A 72 -3.95 -4.01 26.40
N ARG A 73 -4.48 -2.79 26.47
CA ARG A 73 -3.72 -1.70 27.05
C ARG A 73 -4.09 -1.50 28.49
N LEU A 74 -3.15 -0.90 29.18
CA LEU A 74 -3.13 -0.77 30.61
C LEU A 74 -2.64 0.59 30.96
N THR A 75 -3.31 1.25 31.89
CA THR A 75 -2.79 2.50 32.43
C THR A 75 -2.77 2.40 33.93
N PHE A 76 -1.60 2.64 34.53
CA PHE A 76 -1.46 2.50 35.97
C PHE A 76 -0.97 3.75 36.66
N PRO A 77 -1.82 4.34 37.48
CA PRO A 77 -1.45 5.50 38.30
C PRO A 77 -0.73 5.11 39.55
N VAL A 78 0.41 5.73 39.78
CA VAL A 78 1.12 5.51 41.03
C VAL A 78 0.48 6.26 42.19
N PRO A 79 0.09 5.51 43.22
CA PRO A 79 -0.49 6.11 44.43
C PRO A 79 0.43 7.18 44.96
N SER A 80 -0.15 8.34 45.27
CA SER A 80 0.55 9.51 45.73
C SER A 80 1.52 9.24 46.87
N GLU A 81 1.09 8.40 47.80
CA GLU A 81 1.89 8.11 48.97
C GLU A 81 3.12 7.28 48.60
N ARG A 82 3.16 6.79 47.37
CA ARG A 82 4.28 5.98 46.89
C ARG A 82 5.07 6.61 45.72
N ALA A 83 4.75 7.86 45.39
CA ALA A 83 5.45 8.56 44.33
C ALA A 83 6.97 8.45 44.52
N LEU A 84 7.73 8.27 43.44
CA LEU A 84 9.20 8.22 43.55
C LEU A 84 9.82 9.57 43.37
N GLY A 85 10.86 9.80 44.16
CA GLY A 85 11.66 10.99 44.00
C GLY A 85 12.54 10.87 42.78
N ILE A 86 13.37 11.89 42.57
CA ILE A 86 14.26 11.97 41.42
C ILE A 86 15.13 10.73 41.32
N GLY A 87 15.21 10.17 40.11
CA GLY A 87 16.00 8.96 39.88
C GLY A 87 15.47 8.10 38.76
N VAL A 88 16.12 6.97 38.52
CA VAL A 88 15.73 6.03 37.47
C VAL A 88 15.39 4.66 38.06
N TYR A 89 14.13 4.23 37.92
CA TYR A 89 13.68 3.01 38.58
C TYR A 89 13.18 1.96 37.63
N PRO A 90 13.78 0.74 37.69
CA PRO A 90 13.18 -0.38 36.95
C PRO A 90 11.71 -0.59 37.30
N VAL A 91 10.95 -0.95 36.28
CA VAL A 91 9.56 -1.27 36.35
C VAL A 91 9.32 -2.58 35.67
N ARG A 92 8.52 -3.42 36.32
CA ARG A 92 8.10 -4.67 35.71
C ARG A 92 6.62 -4.87 35.93
N MET A 93 5.89 -5.14 34.84
CA MET A 93 4.46 -5.42 34.86
C MET A 93 4.23 -6.91 34.51
N VAL A 94 3.58 -7.62 35.43
CA VAL A 94 3.43 -9.07 35.34
C VAL A 94 1.99 -9.50 35.14
N VAL A 95 1.76 -10.24 34.07
CA VAL A 95 0.46 -10.85 33.78
C VAL A 95 0.20 -11.93 34.81
N ARG A 96 -0.83 -11.74 35.62
CA ARG A 96 -1.09 -12.65 36.72
C ARG A 96 -1.47 -14.04 36.24
N GLY A 97 -2.17 -14.13 35.12
CA GLY A 97 -2.58 -15.39 34.55
C GLY A 97 -1.46 -16.31 34.06
N ASP A 98 -0.35 -15.79 33.53
CA ASP A 98 0.73 -16.68 33.06
C ASP A 98 2.15 -16.34 33.51
N HIS A 99 2.30 -15.30 34.30
CA HIS A 99 3.61 -14.93 34.85
C HIS A 99 4.52 -14.39 33.74
N THR A 100 3.97 -14.04 32.59
CA THR A 100 4.74 -13.27 31.62
C THR A 100 4.73 -11.77 32.02
N TYR A 101 5.67 -11.00 31.45
CA TYR A 101 5.81 -9.59 31.81
C TYR A 101 6.46 -8.71 30.77
N ALA A 102 6.43 -7.42 31.07
CA ALA A 102 7.15 -6.39 30.35
C ALA A 102 7.97 -5.57 31.36
N GLU A 103 9.07 -5.00 30.89
CA GLU A 103 9.90 -4.13 31.69
C GLU A 103 10.16 -2.77 30.99
N CYS A 104 10.36 -1.75 31.81
CA CYS A 104 10.67 -0.40 31.37
C CYS A 104 11.27 0.35 32.58
N CYS A 105 11.69 1.59 32.39
CA CYS A 105 12.19 2.41 33.47
C CYS A 105 11.32 3.61 33.71
N LEU A 106 11.16 3.96 34.98
CA LEU A 106 10.50 5.19 35.36
C LEU A 106 11.58 6.20 35.72
N THR A 107 11.61 7.30 34.99
CA THR A 107 12.63 8.33 35.18
C THR A 107 11.99 9.61 35.73
N VAL A 108 12.40 9.96 36.94
CA VAL A 108 11.87 11.13 37.67
C VAL A 108 12.91 12.25 37.67
N VAL A 109 12.52 13.41 37.15
CA VAL A 109 13.49 14.50 36.97
C VAL A 109 13.01 15.80 37.63
N SER A 110 13.97 16.67 37.91
CA SER A 110 13.66 18.04 38.32
C SER A 110 13.24 18.92 37.14
N ARG A 111 12.51 19.98 37.45
CA ARG A 111 12.05 20.93 36.43
C ARG A 111 13.20 21.46 35.60
N GLY A 112 12.98 21.55 34.30
CA GLY A 112 14.00 22.11 33.44
C GLY A 112 15.18 21.20 33.17
N THR A 113 15.02 19.90 33.42
CA THR A 113 16.12 19.00 33.08
C THR A 113 16.40 19.09 31.58
N GLU A 114 17.68 19.19 31.24
CA GLU A 114 18.11 19.34 29.87
C GLU A 114 18.30 18.00 29.12
N ALA A 115 17.76 17.87 27.92
CA ALA A 115 17.76 16.58 27.21
C ALA A 115 18.22 16.73 25.78
N VAL A 116 18.66 15.61 25.20
CA VAL A 116 18.98 15.55 23.80
C VAL A 116 18.21 14.34 23.19
N VAL A 117 17.64 14.58 22.01
CA VAL A 117 16.79 13.62 21.35
C VAL A 117 17.49 12.97 20.17
N PHE A 118 17.40 11.65 20.09
CA PHE A 118 17.92 10.95 18.90
C PHE A 118 16.78 10.20 18.23
N SER A 119 16.56 10.46 16.96
CA SER A 119 15.60 9.64 16.21
C SER A 119 16.39 8.38 15.79
N ILE A 120 15.91 7.21 16.22
CA ILE A 120 16.75 6.00 16.17
C ILE A 120 17.20 5.54 14.79
N ASP A 121 16.22 5.20 13.96
CA ASP A 121 16.48 4.75 12.59
C ASP A 121 17.16 5.83 11.76
N GLY A 122 16.73 7.08 11.93
CA GLY A 122 17.31 8.15 11.13
C GLY A 122 18.72 8.50 11.63
N SER A 123 18.94 8.42 12.94
CA SER A 123 20.23 8.86 13.49
C SER A 123 21.28 7.74 13.45
N PHE A 124 20.84 6.51 13.59
CA PHE A 124 21.81 5.46 13.94
C PHE A 124 22.05 4.40 12.88
N THR A 125 21.09 4.20 11.96
CA THR A 125 21.24 3.07 11.06
C THR A 125 21.90 3.54 9.80
N ALA A 126 22.75 2.67 9.30
CA ALA A 126 23.62 2.93 8.18
C ALA A 126 23.09 2.14 6.98
N SER A 127 22.57 0.94 7.25
CA SER A 127 21.94 0.11 6.23
C SER A 127 20.48 -0.24 6.59
N VAL A 128 19.77 -0.88 5.67
CA VAL A 128 18.41 -1.36 5.91
C VAL A 128 18.39 -2.89 6.05
N SER A 129 17.29 -3.46 6.55
CA SER A 129 17.21 -4.90 6.77
C SER A 129 16.43 -5.62 5.67
N SER A 133 17.67 -9.29 9.30
CA SER A 133 18.97 -8.69 9.00
C SER A 133 19.26 -7.41 9.81
N ASP A 134 20.06 -7.52 10.88
CA ASP A 134 20.39 -6.38 11.72
C ASP A 134 21.09 -5.27 10.97
N PRO A 135 20.44 -4.11 10.86
CA PRO A 135 21.02 -2.92 10.24
C PRO A 135 22.38 -2.59 10.84
N LYS A 136 23.27 -2.04 10.03
CA LYS A 136 24.58 -1.74 10.59
C LYS A 136 24.47 -0.36 11.26
N VAL A 137 25.29 -0.14 12.27
CA VAL A 137 25.28 1.11 13.01
C VAL A 137 26.22 2.12 12.36
N ARG A 138 25.89 3.41 12.38
CA ARG A 138 26.77 4.43 11.83
C ARG A 138 27.98 4.54 12.71
N ALA A 139 29.13 4.74 12.12
CA ALA A 139 30.37 4.82 12.90
C ALA A 139 30.34 6.03 13.80
N GLY A 140 30.71 5.84 15.06
CA GLY A 140 30.84 6.96 15.97
C GLY A 140 29.53 7.37 16.57
N ALA A 141 28.43 6.71 16.21
CA ALA A 141 27.11 7.09 16.76
C ALA A 141 27.04 6.89 18.26
N VAL A 142 27.38 5.71 18.72
CA VAL A 142 27.35 5.44 20.15
C VAL A 142 28.20 6.46 20.94
N ASP A 143 29.38 6.79 20.45
CA ASP A 143 30.21 7.72 21.19
C ASP A 143 29.59 9.12 21.22
N VAL A 144 28.89 9.51 20.18
CA VAL A 144 28.28 10.80 20.26
C VAL A 144 27.20 10.79 21.32
N VAL A 145 26.39 9.73 21.37
CA VAL A 145 25.31 9.66 22.38
C VAL A 145 25.93 9.61 23.76
N ARG A 146 26.98 8.82 23.89
CA ARG A 146 27.63 8.71 25.18
C ARG A 146 28.21 10.11 25.57
N HIS A 147 28.71 10.87 24.61
CA HIS A 147 29.24 12.19 24.93
C HIS A 147 28.18 13.10 25.58
N TRP A 148 26.97 13.12 25.01
CA TRP A 148 25.88 13.92 25.56
C TRP A 148 25.48 13.48 26.96
N GLN A 149 25.45 12.17 27.20
CA GLN A 149 25.07 11.71 28.52
C GLN A 149 26.11 12.10 29.59
N ASP A 150 27.37 11.85 29.29
CA ASP A 150 28.44 12.13 30.24
C ASP A 150 28.53 13.64 30.54
N SER A 151 28.04 14.44 29.60
CA SER A 151 28.01 15.90 29.71
C SER A 151 26.82 16.40 30.48
N GLY A 152 25.94 15.52 30.95
CA GLY A 152 24.86 15.95 31.83
C GLY A 152 23.46 16.06 31.25
N TYR A 153 23.27 15.45 30.07
CA TYR A 153 22.00 15.55 29.38
C TYR A 153 21.22 14.28 29.44
N LEU A 154 19.92 14.41 29.62
CA LEU A 154 19.04 13.25 29.53
C LEU A 154 18.93 12.75 28.08
N ILE A 155 19.16 11.47 27.86
CA ILE A 155 19.07 10.91 26.51
C ILE A 155 17.64 10.50 26.15
N VAL A 156 17.13 11.01 25.03
CA VAL A 156 15.81 10.57 24.64
C VAL A 156 15.84 9.98 23.24
N TYR A 157 15.41 8.72 23.15
CA TYR A 157 15.33 7.99 21.89
C TYR A 157 13.88 7.90 21.38
N VAL A 158 13.65 8.39 20.17
CA VAL A 158 12.30 8.30 19.62
C VAL A 158 12.37 7.57 18.31
N THR A 159 11.29 6.90 17.96
CA THR A 159 11.24 6.22 16.67
C THR A 159 9.81 6.16 16.16
N GLY A 160 9.67 6.09 14.84
CA GLY A 160 8.36 5.99 14.25
C GLY A 160 7.85 4.57 14.30
N ARG A 161 8.74 3.59 14.48
CA ARG A 161 8.28 2.21 14.61
C ARG A 161 7.26 2.06 15.74
N PRO A 162 6.35 1.11 15.57
CA PRO A 162 5.32 0.76 16.55
C PRO A 162 5.95 0.02 17.72
N ASP A 163 5.36 0.13 18.91
CA ASP A 163 5.93 -0.52 20.08
C ASP A 163 5.81 -2.03 20.03
N MET A 164 5.13 -2.56 19.02
CA MET A 164 5.17 -3.99 18.74
C MET A 164 6.61 -4.43 18.51
N GLN A 165 7.42 -3.52 18.00
CA GLN A 165 8.79 -3.84 17.59
C GLN A 165 9.78 -3.45 18.67
N LYS A 166 9.26 -3.04 19.82
CA LYS A 166 10.15 -2.57 20.90
C LYS A 166 11.17 -3.60 21.31
N HIS A 167 10.75 -4.83 21.49
CA HIS A 167 11.72 -5.82 21.92
C HIS A 167 12.90 -5.92 20.96
N ARG A 168 12.63 -5.93 19.67
CA ARG A 168 13.73 -5.98 18.71
C ARG A 168 14.58 -4.70 18.70
N VAL A 169 13.92 -3.54 18.80
CA VAL A 169 14.65 -2.28 18.70
C VAL A 169 15.57 -2.15 19.90
N VAL A 170 15.06 -2.42 21.09
CA VAL A 170 15.88 -2.32 22.29
C VAL A 170 17.06 -3.28 22.28
N ALA A 171 16.82 -4.50 21.77
CA ALA A 171 17.92 -5.47 21.64
C ALA A 171 19.03 -4.93 20.74
N TRP A 172 18.64 -4.27 19.66
CA TRP A 172 19.64 -3.66 18.78
C TRP A 172 20.41 -2.55 19.49
N LEU A 173 19.71 -1.65 20.18
CA LEU A 173 20.39 -0.57 20.89
C LEU A 173 21.38 -1.15 21.89
N SER A 174 20.91 -2.17 22.60
CA SER A 174 21.67 -2.77 23.67
C SER A 174 22.88 -3.53 23.09
N GLN A 175 22.70 -4.22 21.96
CA GLN A 175 23.79 -4.94 21.29
C GLN A 175 24.96 -4.04 20.94
N HIS A 176 24.66 -2.82 20.49
CA HIS A 176 25.73 -1.94 20.09
C HIS A 176 26.15 -1.06 21.24
N ASN A 177 25.66 -1.40 22.43
CA ASN A 177 26.00 -0.71 23.67
C ASN A 177 25.60 0.78 23.76
N PHE A 178 24.44 1.16 23.24
CA PHE A 178 24.00 2.54 23.36
C PHE A 178 23.73 2.86 24.81
N PRO A 179 24.00 4.11 25.21
CA PRO A 179 23.67 4.51 26.60
C PRO A 179 22.21 4.27 26.96
N HIS A 180 21.92 4.08 28.25
CA HIS A 180 20.51 3.97 28.66
C HIS A 180 19.81 5.29 28.48
N GLY A 181 18.59 5.25 27.95
CA GLY A 181 17.78 6.45 27.87
C GLY A 181 16.32 6.13 27.90
N VAL A 182 15.52 7.18 27.77
CA VAL A 182 14.10 7.04 27.62
C VAL A 182 13.78 6.66 26.18
N VAL A 183 13.14 5.51 25.95
CA VAL A 183 12.80 5.10 24.59
C VAL A 183 11.30 5.18 24.30
N SER A 184 10.93 5.86 23.21
CA SER A 184 9.52 6.05 22.87
C SER A 184 9.15 5.61 21.48
N PHE A 185 8.05 4.88 21.36
CA PHE A 185 7.57 4.41 20.07
C PHE A 185 6.19 5.04 19.76
N CYS A 186 5.72 4.78 18.54
CA CYS A 186 4.36 5.11 18.13
C CYS A 186 3.43 3.98 18.55
N ASP A 187 2.18 4.34 18.86
CA ASP A 187 1.13 3.38 19.24
C ASP A 187 0.82 2.40 18.09
N GLY A 188 1.26 2.72 16.87
CA GLY A 188 1.09 1.82 15.75
C GLY A 188 -0.22 1.98 15.00
N LEU A 189 -1.04 2.90 15.48
CA LEU A 189 -2.38 3.08 14.93
C LEU A 189 -2.57 4.45 14.24
N THR A 190 -1.74 5.43 14.57
CA THR A 190 -1.93 6.79 14.06
C THR A 190 -1.79 6.89 12.55
N HIS A 191 -0.77 6.22 12.01
CA HIS A 191 -0.52 6.23 10.57
C HIS A 191 0.21 7.51 10.18
N ASP A 192 0.49 8.34 11.17
CA ASP A 192 1.22 9.59 10.96
C ASP A 192 2.32 9.73 12.01
N PRO A 193 3.38 8.95 11.84
CA PRO A 193 4.44 8.89 12.84
C PRO A 193 5.14 10.24 13.08
N LEU A 194 5.44 11.00 12.02
CA LEU A 194 6.15 12.26 12.18
C LEU A 194 5.39 13.20 13.11
N ARG A 195 4.07 13.26 12.98
CA ARG A 195 3.31 14.11 13.88
C ARG A 195 3.21 13.45 15.25
N GLN A 196 3.16 12.13 15.30
CA GLN A 196 3.12 11.46 16.61
C GLN A 196 4.42 11.79 17.41
N LYS A 197 5.57 11.73 16.73
CA LYS A 197 6.81 12.11 17.37
C LYS A 197 6.87 13.58 17.82
N ALA A 198 6.48 14.48 16.92
CA ALA A 198 6.45 15.90 17.25
C ALA A 198 5.58 16.13 18.48
N MET A 199 4.44 15.46 18.54
CA MET A 199 3.53 15.67 19.67
C MET A 199 4.11 15.08 20.94
N PHE A 200 4.78 13.95 20.84
CA PHE A 200 5.40 13.38 22.01
C PHE A 200 6.47 14.34 22.58
N LEU A 201 7.34 14.85 21.71
CA LEU A 201 8.41 15.70 22.16
C LEU A 201 7.82 17.00 22.73
N GLN A 202 6.78 17.53 22.10
CA GLN A 202 6.09 18.69 22.65
C GLN A 202 5.55 18.37 24.03
N SER A 203 4.98 17.19 24.22
CA SER A 203 4.47 16.89 25.53
C SER A 203 5.65 16.82 26.52
N LEU A 204 6.82 16.38 26.08
CA LEU A 204 7.96 16.36 26.98
C LEU A 204 8.27 17.77 27.48
N VAL A 205 8.27 18.73 26.57
CA VAL A 205 8.58 20.11 26.95
C VAL A 205 7.43 20.73 27.76
N GLN A 206 6.19 20.49 27.38
CA GLN A 206 5.08 21.16 28.08
C GLN A 206 4.60 20.52 29.39
N GLU A 207 4.47 19.20 29.45
CA GLU A 207 4.00 18.54 30.68
C GLU A 207 5.16 18.11 31.57
N VAL A 208 6.23 17.59 30.97
CA VAL A 208 7.38 17.12 31.73
C VAL A 208 8.40 18.25 31.97
N GLU A 209 8.32 19.29 31.16
CA GLU A 209 9.11 20.49 31.35
C GLU A 209 10.58 20.26 31.13
N LEU A 210 10.88 19.40 30.17
CA LEU A 210 12.25 19.21 29.74
C LEU A 210 12.66 20.39 28.87
N ASN A 211 13.95 20.68 28.87
CA ASN A 211 14.54 21.65 27.97
C ASN A 211 15.33 20.87 26.91
N ILE A 212 14.75 20.73 25.74
CA ILE A 212 15.43 20.00 24.69
C ILE A 212 16.39 20.93 23.96
N VAL A 213 17.69 20.62 24.02
CA VAL A 213 18.73 21.51 23.51
C VAL A 213 19.31 21.08 22.17
N ALA A 214 19.05 19.83 21.73
CA ALA A 214 19.54 19.32 20.43
C ALA A 214 18.72 18.15 19.87
N GLY A 215 18.58 18.08 18.55
CA GLY A 215 17.87 17.02 17.87
C GLY A 215 18.66 16.37 16.74
N TYR A 216 18.68 15.04 16.76
CA TYR A 216 19.36 14.25 15.75
C TYR A 216 18.39 13.38 14.96
N GLY A 217 18.66 13.26 13.67
CA GLY A 217 17.89 12.35 12.86
C GLY A 217 18.32 12.45 11.44
N SER A 218 17.45 12.02 10.55
CA SER A 218 17.67 12.12 9.12
C SER A 218 16.76 13.23 8.53
N PRO A 219 16.87 13.50 7.21
CA PRO A 219 16.11 14.60 6.60
C PRO A 219 14.64 14.68 6.95
N LYS A 220 13.95 13.55 7.07
CA LYS A 220 12.53 13.63 7.40
C LYS A 220 12.30 14.24 8.80
N ASP A 221 13.31 14.18 9.67
CA ASP A 221 13.16 14.65 11.06
C ASP A 221 13.23 16.18 11.25
N VAL A 222 13.71 16.88 10.21
CA VAL A 222 13.84 18.34 10.33
C VAL A 222 12.47 18.95 10.64
N ALA A 223 11.42 18.45 10.02
CA ALA A 223 10.07 18.98 10.23
C ALA A 223 9.55 18.69 11.64
N VAL A 224 9.99 17.57 12.21
CA VAL A 224 9.68 17.28 13.59
C VAL A 224 10.36 18.28 14.51
N TYR A 225 11.68 18.41 14.40
CA TYR A 225 12.43 19.30 15.29
C TYR A 225 11.99 20.76 15.10
N ALA A 226 11.68 21.14 13.85
CA ALA A 226 11.19 22.47 13.57
C ALA A 226 9.85 22.68 14.28
N ALA A 227 8.98 21.69 14.26
CA ALA A 227 7.71 21.81 14.96
C ALA A 227 7.90 21.99 16.46
N LEU A 228 9.00 21.47 17.00
CA LEU A 228 9.30 21.67 18.43
C LEU A 228 9.78 23.02 18.81
N GLY A 229 10.32 23.75 17.85
CA GLY A 229 10.91 25.03 18.17
C GLY A 229 12.42 24.99 18.25
N LEU A 230 13.03 23.88 17.87
CA LEU A 230 14.47 23.83 17.78
C LEU A 230 14.99 24.66 16.63
N SER A 231 16.08 25.36 16.88
CA SER A 231 16.74 26.14 15.86
C SER A 231 17.59 25.27 14.94
N PRO A 232 17.75 25.72 13.69
CA PRO A 232 18.60 24.99 12.75
C PRO A 232 19.98 24.67 13.29
N SER A 233 20.52 25.45 14.22
CA SER A 233 21.86 25.14 14.72
C SER A 233 21.85 24.01 15.74
N GLN A 234 20.67 23.77 16.32
CA GLN A 234 20.48 22.68 17.29
C GLN A 234 19.95 21.36 16.67
N THR A 235 19.82 21.34 15.34
CA THR A 235 19.20 20.24 14.60
C THR A 235 20.27 19.51 13.80
N TYR A 236 20.60 18.29 14.16
CA TYR A 236 21.70 17.62 13.50
C TYR A 236 21.17 16.49 12.63
N ILE A 237 21.49 16.55 11.34
CA ILE A 237 20.90 15.64 10.37
C ILE A 237 21.98 14.82 9.70
N VAL A 238 21.85 13.48 9.66
CA VAL A 238 22.91 12.66 9.06
C VAL A 238 22.94 12.84 7.55
N GLY A 239 24.09 12.61 6.93
CA GLY A 239 24.29 12.66 5.48
C GLY A 239 24.78 13.99 4.93
N ARG A 240 24.96 14.03 3.60
CA ARG A 240 25.47 15.21 2.87
C ARG A 240 24.40 16.30 2.80
N ALA A 241 24.84 17.55 2.69
CA ALA A 241 23.91 18.69 2.62
C ALA A 241 22.93 18.54 1.47
N VAL A 242 21.66 18.84 1.75
CA VAL A 242 20.58 18.83 0.79
C VAL A 242 20.06 20.24 0.62
N ARG A 243 20.01 20.69 -0.63
CA ARG A 243 19.78 22.08 -0.94
C ARG A 243 18.47 22.61 -0.33
N LYS A 244 17.37 21.87 -0.48
CA LYS A 244 16.06 22.31 0.03
C LYS A 244 16.09 22.54 1.56
N LEU A 245 17.05 21.95 2.25
CA LEU A 245 17.15 22.03 3.71
C LEU A 245 18.27 22.95 4.15
N GLN A 246 18.72 23.79 3.23
CA GLN A 246 20.01 24.46 3.45
C GLN A 246 20.13 25.22 4.76
N ALA A 247 19.15 26.06 5.07
CA ALA A 247 19.28 26.85 6.30
C ALA A 247 18.57 26.27 7.49
N GLN A 248 17.97 25.09 7.33
CA GLN A 248 17.11 24.51 8.36
C GLN A 248 17.78 23.59 9.39
N CYS A 249 19.03 23.23 9.16
CA CYS A 249 19.65 22.25 10.04
C CYS A 249 21.14 22.23 9.80
N GLN A 250 21.87 21.55 10.69
CA GLN A 250 23.28 21.21 10.45
C GLN A 250 23.47 19.80 9.97
N PHE A 251 24.12 19.65 8.82
CA PHE A 251 24.40 18.32 8.29
C PHE A 251 25.69 17.70 8.80
N LEU A 252 25.62 16.45 9.20
CA LEU A 252 26.80 15.78 9.69
C LEU A 252 27.57 15.20 8.52
N SER A 253 28.07 16.07 7.65
CA SER A 253 28.64 15.66 6.35
C SER A 253 29.84 14.78 6.50
N ASP A 254 30.65 15.08 7.49
CA ASP A 254 31.88 14.35 7.78
C ASP A 254 31.72 13.10 8.66
N GLY A 255 30.53 12.88 9.22
CA GLY A 255 30.33 11.68 10.03
C GLY A 255 30.36 11.97 11.51
N TYR A 256 30.10 10.94 12.33
CA TYR A 256 29.92 11.16 13.76
C TYR A 256 31.25 11.39 14.47
N VAL A 257 32.29 10.72 14.01
CA VAL A 257 33.61 10.90 14.60
C VAL A 257 34.03 12.38 14.49
N ALA A 258 34.00 12.93 13.28
CA ALA A 258 34.32 14.36 13.12
C ALA A 258 33.39 15.25 13.93
N HIS A 259 32.12 14.89 13.97
CA HIS A 259 31.18 15.70 14.71
C HIS A 259 31.55 15.70 16.22
N LEU A 260 32.03 14.56 16.71
CA LEU A 260 32.39 14.41 18.11
C LEU A 260 33.57 15.30 18.49
N GLY A 261 34.55 15.38 17.61
CA GLY A 261 35.64 16.26 17.90
C GLY A 261 35.11 17.69 17.96
N GLN A 262 34.20 18.04 17.06
CA GLN A 262 33.69 19.41 17.05
C GLN A 262 32.91 19.70 18.32
N LEU A 263 32.17 18.71 18.84
CA LEU A 263 31.41 18.91 20.09
C LEU A 263 32.35 19.15 21.29
N GLU A 264 33.48 18.43 21.31
CA GLU A 264 34.44 18.52 22.41
C GLU A 264 35.29 19.79 22.38
N ALA A 265 35.36 20.45 21.23
CA ALA A 265 35.95 21.78 21.13
C ALA A 265 34.88 22.83 21.43
N GLY A 266 33.72 22.38 21.91
CA GLY A 266 32.68 23.31 22.30
C GLY A 266 31.88 23.92 21.16
N SER A 267 31.54 23.13 20.14
CA SER A 267 30.75 23.63 19.00
C SER A 267 29.32 24.03 19.39
N HIS A 268 28.69 23.26 20.27
CA HIS A 268 27.27 23.51 20.59
C HIS A 268 27.04 24.80 21.34
N ARG B 7 -26.11 5.22 -20.37
CA ARG B 7 -25.22 4.04 -20.45
C ARG B 7 -24.20 4.08 -19.30
N ASN B 8 -24.30 3.15 -18.35
CA ASN B 8 -23.37 3.10 -17.21
C ASN B 8 -21.99 2.48 -17.51
N VAL B 9 -20.95 3.29 -17.28
CA VAL B 9 -19.59 2.91 -17.61
C VAL B 9 -18.64 3.21 -16.44
N THR B 10 -17.59 2.41 -16.27
CA THR B 10 -16.62 2.68 -15.21
C THR B 10 -15.94 4.00 -15.47
N SER B 11 -15.71 4.72 -14.38
CA SER B 11 -15.06 6.01 -14.45
C SER B 11 -13.60 5.80 -14.81
N ASN B 12 -13.11 6.62 -15.71
CA ASN B 12 -11.70 6.60 -16.05
C ASN B 12 -11.18 8.01 -16.01
N HIS B 13 -11.11 8.58 -14.81
CA HIS B 13 -10.59 9.93 -14.68
C HIS B 13 -9.12 9.91 -14.28
N ARG B 14 -8.39 10.94 -14.66
CA ARG B 14 -7.02 11.09 -14.23
C ARG B 14 -6.74 12.54 -13.92
N ALA B 15 -5.97 12.79 -12.86
CA ALA B 15 -5.45 14.12 -12.65
C ALA B 15 -3.92 14.01 -12.56
N SER B 16 -3.26 15.04 -13.10
CA SER B 16 -1.81 15.12 -13.17
C SER B 16 -1.15 15.52 -11.86
N ASP B 17 -0.15 14.77 -11.44
CA ASP B 17 0.70 15.24 -10.37
C ASP B 17 1.29 16.55 -10.83
N THR B 18 1.12 17.60 -10.06
CA THR B 18 1.63 18.89 -10.49
C THR B 18 2.78 19.33 -9.60
N VAL B 19 3.88 19.71 -10.23
CA VAL B 19 5.01 20.22 -9.48
C VAL B 19 5.22 21.66 -9.82
N VAL B 20 5.25 22.53 -8.82
CA VAL B 20 5.44 23.95 -9.08
C VAL B 20 6.38 24.62 -8.08
N CYS B 21 7.21 25.52 -8.58
CA CYS B 21 8.14 26.26 -7.74
C CYS B 21 7.34 27.27 -6.91
N GLU B 22 7.80 27.54 -5.69
CA GLU B 22 7.10 28.49 -4.83
C GLU B 22 7.12 29.87 -5.46
N GLY B 23 6.00 30.59 -5.35
CA GLY B 23 5.91 31.92 -5.92
C GLY B 23 5.30 31.97 -7.31
N ARG B 24 5.24 30.83 -8.00
CA ARG B 24 4.59 30.81 -9.31
C ARG B 24 3.12 30.40 -9.25
N PRO B 25 2.35 30.76 -10.29
CA PRO B 25 0.96 30.35 -10.38
C PRO B 25 0.80 28.82 -10.24
N GLN B 26 -0.17 28.38 -9.45
CA GLN B 26 -0.39 26.96 -9.25
C GLN B 26 -1.61 26.51 -10.06
N VAL B 27 -1.39 25.62 -11.01
CA VAL B 27 -2.48 25.18 -11.86
C VAL B 27 -2.57 23.68 -11.82
N LEU B 28 -3.78 23.19 -11.57
CA LEU B 28 -4.11 21.77 -11.54
C LEU B 28 -4.88 21.33 -12.79
N ASN B 29 -4.64 20.13 -13.25
CA ASN B 29 -5.36 19.73 -14.44
C ASN B 29 -5.77 18.26 -14.35
N GLY B 30 -6.88 17.93 -14.99
CA GLY B 30 -7.36 16.57 -15.02
C GLY B 30 -8.14 16.33 -16.29
N ARG B 31 -8.42 15.08 -16.57
CA ARG B 31 -9.28 14.73 -17.69
C ARG B 31 -10.28 13.67 -17.23
N PHE B 32 -11.50 13.80 -17.72
CA PHE B 32 -12.61 13.00 -17.21
C PHE B 32 -13.26 12.22 -18.32
N MET B 33 -13.21 10.92 -18.15
CA MET B 33 -13.56 10.01 -19.19
C MET B 33 -14.12 8.78 -18.54
N TYR B 34 -14.86 8.01 -19.32
CA TYR B 34 -15.37 6.75 -18.85
C TYR B 34 -14.98 5.67 -19.82
N GLY B 35 -14.77 4.50 -19.23
CA GLY B 35 -14.52 3.28 -19.94
C GLY B 35 -13.03 3.12 -20.11
N PRO B 36 -12.57 1.87 -20.17
CA PRO B 36 -11.19 1.71 -20.61
C PRO B 36 -11.25 2.11 -22.08
N LEU B 37 -10.16 2.69 -22.55
CA LEU B 37 -10.06 3.20 -23.91
C LEU B 37 -10.84 4.47 -24.10
N ASP B 38 -11.20 5.14 -23.02
CA ASP B 38 -11.74 6.49 -23.12
C ASP B 38 -12.94 6.62 -24.07
N VAL B 39 -13.81 5.61 -24.05
CA VAL B 39 -14.99 5.54 -24.89
C VAL B 39 -15.90 6.74 -24.75
N VAL B 40 -16.07 7.21 -23.52
CA VAL B 40 -16.94 8.35 -23.25
C VAL B 40 -16.16 9.52 -22.75
N THR B 41 -16.41 10.69 -23.33
CA THR B 41 -15.73 11.91 -22.88
C THR B 41 -16.68 12.71 -22.05
N LEU B 42 -16.24 13.15 -20.89
CA LEU B 42 -17.14 13.94 -20.08
C LEU B 42 -17.01 15.40 -20.43
N THR B 43 -17.93 15.88 -21.28
CA THR B 43 -17.84 17.24 -21.82
C THR B 43 -18.75 18.26 -21.15
N GLY B 44 -18.20 19.43 -20.85
CA GLY B 44 -18.96 20.53 -20.28
C GLY B 44 -19.67 20.26 -18.96
N GLU B 45 -19.03 19.51 -18.06
CA GLU B 45 -19.58 19.16 -16.74
C GLU B 45 -18.83 19.82 -15.61
N LYS B 46 -19.52 20.17 -14.54
CA LYS B 46 -18.85 20.72 -13.38
C LYS B 46 -18.01 19.67 -12.60
N VAL B 47 -16.80 20.07 -12.25
CA VAL B 47 -15.92 19.27 -11.40
C VAL B 47 -15.46 20.10 -10.23
N ASP B 48 -15.65 19.58 -9.01
CA ASP B 48 -15.19 20.31 -7.83
C ASP B 48 -13.79 19.89 -7.44
N VAL B 49 -12.97 20.86 -7.10
CA VAL B 49 -11.56 20.61 -6.83
C VAL B 49 -11.27 20.78 -5.35
N TYR B 50 -10.69 19.74 -4.73
CA TYR B 50 -10.34 19.75 -3.30
C TYR B 50 -8.84 19.57 -3.13
N VAL B 51 -8.32 20.23 -2.11
CA VAL B 51 -6.93 20.10 -1.70
C VAL B 51 -6.88 19.73 -0.22
N MET B 52 -6.10 18.74 0.15
CA MET B 52 -5.95 18.45 1.57
C MET B 52 -4.84 19.36 2.10
N THR B 53 -5.21 20.59 2.46
CA THR B 53 -4.21 21.61 2.80
C THR B 53 -3.33 21.25 3.98
N GLN B 54 -3.86 20.44 4.89
CA GLN B 54 -3.05 19.87 5.97
C GLN B 54 -2.83 18.40 5.62
N PRO B 55 -1.71 18.10 4.95
CA PRO B 55 -1.49 16.86 4.18
C PRO B 55 -1.82 15.54 4.86
N LEU B 56 -1.74 15.40 6.17
CA LEU B 56 -2.08 14.06 6.69
C LEU B 56 -3.43 14.03 7.44
N SER B 57 -4.07 15.19 7.52
CA SER B 57 -5.26 15.39 8.33
C SER B 57 -6.48 14.62 7.80
N GLY B 58 -6.48 14.25 6.52
CA GLY B 58 -7.62 13.59 5.92
C GLY B 58 -8.78 14.56 5.73
N LYS B 59 -8.56 15.86 5.96
CA LYS B 59 -9.62 16.86 5.81
C LYS B 59 -9.50 17.58 4.44
N TRP B 60 -10.53 17.46 3.60
CA TRP B 60 -10.51 18.11 2.31
C TRP B 60 -11.05 19.54 2.40
N ILE B 61 -10.45 20.45 1.64
CA ILE B 61 -10.90 21.82 1.51
C ILE B 61 -11.34 22.09 0.06
N HIS B 62 -12.57 22.59 -0.13
CA HIS B 62 -13.04 22.97 -1.46
C HIS B 62 -12.28 24.22 -1.96
N PHE B 63 -11.63 24.14 -3.11
CA PHE B 63 -10.89 25.27 -3.68
C PHE B 63 -11.68 25.96 -4.81
N GLY B 64 -12.60 25.24 -5.45
CA GLY B 64 -13.43 25.80 -6.51
C GLY B 64 -13.97 24.73 -7.45
N THR B 65 -14.48 25.21 -8.58
CA THR B 65 -15.16 24.39 -9.56
C THR B 65 -14.75 24.80 -10.97
N GLU B 66 -14.59 23.84 -11.85
CA GLU B 66 -14.42 24.17 -13.26
C GLU B 66 -15.27 23.30 -14.12
N VAL B 67 -15.30 23.64 -15.39
CA VAL B 67 -16.08 22.90 -16.36
C VAL B 67 -15.17 22.25 -17.38
N THR B 68 -15.38 20.96 -17.59
CA THR B 68 -14.57 20.27 -18.57
C THR B 68 -14.91 20.78 -19.96
N ASN B 69 -13.90 20.81 -20.83
CA ASN B 69 -14.07 21.20 -22.22
C ASN B 69 -14.44 19.97 -23.06
N SER B 70 -14.57 20.17 -24.37
CA SER B 70 -15.04 19.13 -25.26
C SER B 70 -14.14 17.92 -25.26
N SER B 71 -12.94 18.10 -24.74
CA SER B 71 -12.01 17.02 -24.77
C SER B 71 -12.01 16.28 -23.44
N GLY B 72 -12.90 16.73 -22.53
CA GLY B 72 -13.01 16.16 -21.20
C GLY B 72 -11.95 16.68 -20.24
N ARG B 73 -11.24 17.71 -20.67
CA ARG B 73 -10.12 18.21 -19.88
C ARG B 73 -10.55 19.34 -18.98
N LEU B 74 -9.82 19.49 -17.89
CA LEU B 74 -10.15 20.42 -16.83
C LEU B 74 -8.86 21.10 -16.44
N THR B 75 -8.93 22.41 -16.32
CA THR B 75 -7.78 23.16 -15.91
C THR B 75 -8.21 24.04 -14.78
N PHE B 76 -7.57 23.92 -13.64
CA PHE B 76 -8.02 24.71 -12.55
C PHE B 76 -6.88 25.53 -11.99
N PRO B 77 -6.98 26.86 -12.13
CA PRO B 77 -5.98 27.75 -11.52
C PRO B 77 -6.25 27.95 -10.05
N VAL B 78 -5.25 27.77 -9.21
CA VAL B 78 -5.41 28.00 -7.80
C VAL B 78 -5.40 29.48 -7.49
N PRO B 79 -6.46 30.00 -6.88
CA PRO B 79 -6.51 31.39 -6.48
C PRO B 79 -5.35 31.77 -5.57
N SER B 80 -4.75 32.92 -5.85
CA SER B 80 -3.57 33.40 -5.12
C SER B 80 -3.73 33.38 -3.61
N GLU B 81 -4.88 33.81 -3.10
CA GLU B 81 -5.06 33.84 -1.64
C GLU B 81 -5.09 32.41 -1.10
N ARG B 82 -5.10 31.42 -1.98
CA ARG B 82 -5.15 30.05 -1.49
C ARG B 82 -3.90 29.29 -1.87
N ALA B 83 -2.96 29.98 -2.49
CA ALA B 83 -1.73 29.32 -2.90
C ALA B 83 -1.08 28.62 -1.72
N LEU B 84 -0.55 27.43 -1.97
CA LEU B 84 0.10 26.60 -0.96
C LEU B 84 1.57 26.82 -0.84
N GLY B 85 2.08 26.77 0.39
CA GLY B 85 3.50 26.82 0.62
C GLY B 85 4.16 25.51 0.25
N ILE B 86 5.47 25.44 0.48
CA ILE B 86 6.24 24.25 0.14
C ILE B 86 5.61 23.04 0.81
N GLY B 87 5.47 21.95 0.06
CA GLY B 87 4.85 20.75 0.56
C GLY B 87 4.26 19.86 -0.51
N VAL B 88 3.68 18.75 -0.07
CA VAL B 88 3.04 17.79 -0.95
C VAL B 88 1.60 17.67 -0.51
N TYR B 89 0.67 18.07 -1.35
CA TYR B 89 -0.73 18.10 -0.95
C TYR B 89 -1.56 17.18 -1.80
N PRO B 90 -2.28 16.25 -1.14
CA PRO B 90 -3.26 15.43 -1.87
C PRO B 90 -4.30 16.34 -2.52
N VAL B 91 -4.72 15.99 -3.74
CA VAL B 91 -5.72 16.73 -4.48
C VAL B 91 -6.81 15.75 -4.89
N ARG B 92 -8.07 16.15 -4.81
CA ARG B 92 -9.14 15.30 -5.33
C ARG B 92 -10.13 16.09 -6.15
N MET B 93 -10.40 15.61 -7.36
CA MET B 93 -11.33 16.28 -8.30
C MET B 93 -12.58 15.46 -8.50
N VAL B 94 -13.71 16.01 -8.09
CA VAL B 94 -14.94 15.24 -8.04
C VAL B 94 -15.96 15.76 -9.01
N VAL B 95 -16.37 14.89 -9.92
CA VAL B 95 -17.45 15.19 -10.84
C VAL B 95 -18.75 15.36 -10.04
N ARG B 96 -19.34 16.55 -10.10
CA ARG B 96 -20.55 16.81 -9.31
C ARG B 96 -21.78 15.97 -9.73
N GLY B 97 -21.90 15.67 -11.02
CA GLY B 97 -23.03 14.89 -11.46
C GLY B 97 -23.13 13.46 -10.93
N ASP B 98 -22.00 12.78 -10.74
CA ASP B 98 -22.04 11.40 -10.29
C ASP B 98 -21.15 11.08 -9.12
N HIS B 99 -20.45 12.05 -8.56
CA HIS B 99 -19.65 11.79 -7.37
C HIS B 99 -18.44 10.86 -7.65
N THR B 100 -18.07 10.65 -8.92
CA THR B 100 -16.82 9.99 -9.27
C THR B 100 -15.67 10.99 -9.22
N TYR B 101 -14.44 10.51 -9.15
CA TYR B 101 -13.35 11.49 -8.99
C TYR B 101 -11.99 10.97 -9.43
N ALA B 102 -11.03 11.89 -9.46
CA ALA B 102 -9.63 11.52 -9.66
C ALA B 102 -8.77 12.14 -8.58
N GLU B 103 -7.67 11.48 -8.26
CA GLU B 103 -6.72 12.02 -7.26
C GLU B 103 -5.30 12.20 -7.76
N CYS B 104 -4.60 13.13 -7.13
CA CYS B 104 -3.21 13.34 -7.47
C CYS B 104 -2.57 14.19 -6.38
N CYS B 105 -1.28 14.46 -6.50
CA CYS B 105 -0.62 15.32 -5.55
C CYS B 105 -0.17 16.66 -6.15
N LEU B 106 -0.29 17.70 -5.36
CA LEU B 106 0.29 18.96 -5.72
C LEU B 106 1.61 19.15 -4.94
N THR B 107 2.72 19.27 -5.66
CA THR B 107 4.02 19.37 -5.01
C THR B 107 4.63 20.77 -5.21
N VAL B 108 4.76 21.51 -4.12
CA VAL B 108 5.30 22.86 -4.15
C VAL B 108 6.71 22.82 -3.57
N VAL B 109 7.68 23.30 -4.35
CA VAL B 109 9.09 23.22 -3.99
C VAL B 109 9.79 24.55 -4.03
N SER B 110 10.90 24.63 -3.30
CA SER B 110 11.78 25.78 -3.40
C SER B 110 12.68 25.67 -4.64
N ARG B 111 13.14 26.82 -5.12
CA ARG B 111 14.01 26.92 -6.30
C ARG B 111 15.22 26.06 -6.07
N GLY B 112 15.65 25.31 -7.07
CA GLY B 112 16.84 24.49 -6.95
C GLY B 112 16.69 23.21 -6.13
N THR B 113 15.45 22.79 -5.84
CA THR B 113 15.24 21.53 -5.12
C THR B 113 15.83 20.41 -5.89
N GLU B 114 16.54 19.53 -5.21
CA GLU B 114 17.21 18.40 -5.85
C GLU B 114 16.30 17.20 -6.02
N ALA B 115 16.36 16.59 -7.20
CA ALA B 115 15.49 15.48 -7.56
C ALA B 115 16.29 14.42 -8.24
N VAL B 116 15.75 13.22 -8.25
CA VAL B 116 16.31 12.09 -8.93
C VAL B 116 15.19 11.54 -9.76
N VAL B 117 15.48 11.14 -11.00
CA VAL B 117 14.47 10.66 -11.95
C VAL B 117 14.58 9.18 -12.17
N PHE B 118 13.45 8.51 -12.17
CA PHE B 118 13.45 7.09 -12.50
C PHE B 118 12.58 6.80 -13.71
N SER B 119 13.15 6.17 -14.72
CA SER B 119 12.31 5.72 -15.81
C SER B 119 11.56 4.45 -15.43
N ILE B 120 10.25 4.54 -15.33
CA ILE B 120 9.43 3.39 -14.98
C ILE B 120 9.55 2.23 -15.97
N ASP B 121 9.50 2.57 -17.26
CA ASP B 121 9.57 1.56 -18.31
C ASP B 121 10.81 0.70 -18.14
N GLY B 122 11.96 1.35 -18.02
CA GLY B 122 13.24 0.67 -17.94
C GLY B 122 13.88 0.28 -16.61
N SER B 123 13.65 1.05 -15.55
CA SER B 123 14.49 0.94 -14.37
C SER B 123 14.17 -0.26 -13.48
N PHE B 124 12.94 -0.75 -13.49
CA PHE B 124 12.48 -1.62 -12.40
C PHE B 124 12.14 -3.09 -12.67
N THR B 125 11.75 -3.43 -13.88
CA THR B 125 11.29 -4.80 -14.12
C THR B 125 12.35 -5.56 -14.88
N ALA B 126 12.39 -6.86 -14.68
CA ALA B 126 13.42 -7.68 -15.33
C ALA B 126 12.84 -9.06 -15.62
N SER B 127 13.44 -9.78 -16.57
CA SER B 127 13.03 -11.15 -16.88
C SER B 127 14.16 -12.15 -16.69
N PRO B 135 7.71 -10.81 -16.40
CA PRO B 135 8.79 -10.24 -15.57
C PRO B 135 8.36 -9.60 -14.22
N LYS B 136 9.24 -9.87 -13.26
CA LYS B 136 9.17 -9.47 -11.84
C LYS B 136 9.98 -8.20 -11.53
N VAL B 137 9.71 -7.54 -10.42
CA VAL B 137 10.44 -6.31 -10.10
C VAL B 137 11.85 -6.68 -9.73
N ARG B 138 12.81 -5.85 -10.10
CA ARG B 138 14.20 -6.14 -9.81
C ARG B 138 14.43 -6.03 -8.34
N ALA B 139 15.28 -6.91 -7.84
CA ALA B 139 15.58 -6.97 -6.43
C ALA B 139 16.27 -5.67 -6.07
N GLY B 140 15.83 -5.08 -4.96
CA GLY B 140 16.44 -3.89 -4.44
C GLY B 140 16.01 -2.58 -5.07
N ALA B 141 15.19 -2.65 -6.11
CA ALA B 141 14.76 -1.42 -6.80
C ALA B 141 14.05 -0.49 -5.86
N VAL B 142 13.04 -1.00 -5.18
CA VAL B 142 12.29 -0.24 -4.20
C VAL B 142 13.21 0.39 -3.16
N ASP B 143 14.14 -0.38 -2.64
CA ASP B 143 15.03 0.11 -1.62
C ASP B 143 15.93 1.23 -2.12
N VAL B 144 16.31 1.19 -3.39
CA VAL B 144 17.13 2.27 -3.91
C VAL B 144 16.32 3.54 -4.00
N VAL B 145 15.07 3.42 -4.44
CA VAL B 145 14.23 4.59 -4.49
C VAL B 145 14.03 5.13 -3.07
N ARG B 146 13.78 4.23 -2.11
CA ARG B 146 13.56 4.64 -0.73
C ARG B 146 14.77 5.37 -0.20
N HIS B 147 15.96 4.87 -0.51
CA HIS B 147 17.20 5.49 -0.04
C HIS B 147 17.28 6.95 -0.48
N TRP B 148 16.94 7.21 -1.74
CA TRP B 148 16.99 8.58 -2.26
C TRP B 148 15.95 9.44 -1.60
N GLN B 149 14.78 8.86 -1.38
CA GLN B 149 13.74 9.68 -0.81
C GLN B 149 14.12 10.04 0.63
N ASP B 150 14.57 9.04 1.39
CA ASP B 150 14.98 9.24 2.78
C ASP B 150 16.19 10.17 2.92
N SER B 151 16.97 10.29 1.85
CA SER B 151 18.10 11.22 1.85
C SER B 151 17.66 12.64 1.53
N GLY B 152 16.37 12.85 1.29
CA GLY B 152 15.90 14.21 1.13
C GLY B 152 15.68 14.67 -0.31
N TYR B 153 15.70 13.73 -1.27
CA TYR B 153 15.53 14.08 -2.68
C TYR B 153 14.14 13.76 -3.19
N LEU B 154 13.63 14.67 -4.02
CA LEU B 154 12.35 14.52 -4.68
C LEU B 154 12.40 13.43 -5.73
N ILE B 155 11.50 12.46 -5.59
CA ILE B 155 11.43 11.34 -6.50
C ILE B 155 10.52 11.69 -7.67
N VAL B 156 11.03 11.55 -8.89
CA VAL B 156 10.22 11.70 -10.11
C VAL B 156 10.20 10.40 -10.95
N TYR B 157 9.01 9.85 -11.15
CA TYR B 157 8.81 8.66 -11.96
C TYR B 157 8.29 9.10 -13.36
N VAL B 158 8.94 8.67 -14.43
CA VAL B 158 8.46 9.04 -15.77
C VAL B 158 8.13 7.79 -16.54
N THR B 159 7.11 7.89 -17.38
CA THR B 159 6.75 6.76 -18.22
C THR B 159 6.26 7.22 -19.55
N GLY B 160 6.47 6.37 -20.56
CA GLY B 160 5.99 6.61 -21.91
C GLY B 160 4.52 6.27 -22.14
N ARG B 161 3.93 5.45 -21.29
CA ARG B 161 2.51 5.12 -21.34
C ARG B 161 1.59 6.37 -21.29
N PRO B 162 0.37 6.27 -21.87
CA PRO B 162 -0.63 7.34 -21.84
C PRO B 162 -1.24 7.47 -20.46
N ASP B 163 -1.67 8.66 -20.05
CA ASP B 163 -2.25 8.75 -18.73
C ASP B 163 -3.63 8.07 -18.75
N MET B 164 -4.05 7.68 -19.93
CA MET B 164 -5.21 6.81 -20.01
C MET B 164 -4.95 5.53 -19.18
N GLN B 165 -3.68 5.18 -19.02
CA GLN B 165 -3.27 4.01 -18.23
C GLN B 165 -2.82 4.33 -16.83
N LYS B 166 -3.02 5.56 -16.37
CA LYS B 166 -2.50 5.92 -15.06
C LYS B 166 -2.99 5.00 -13.93
N HIS B 167 -4.27 4.64 -13.89
CA HIS B 167 -4.79 3.80 -12.80
C HIS B 167 -3.98 2.55 -12.62
N ARG B 168 -3.66 1.90 -13.72
CA ARG B 168 -2.88 0.67 -13.71
C ARG B 168 -1.44 0.91 -13.23
N VAL B 169 -0.85 2.02 -13.65
CA VAL B 169 0.53 2.28 -13.30
C VAL B 169 0.67 2.62 -11.79
N VAL B 170 -0.22 3.46 -11.27
CA VAL B 170 -0.22 3.83 -9.85
C VAL B 170 -0.48 2.57 -9.04
N ALA B 171 -1.37 1.73 -9.56
CA ALA B 171 -1.67 0.47 -8.90
C ALA B 171 -0.43 -0.39 -8.81
N TRP B 172 0.34 -0.46 -9.90
CA TRP B 172 1.58 -1.22 -9.90
C TRP B 172 2.62 -0.68 -8.90
N LEU B 173 2.85 0.64 -8.89
CA LEU B 173 3.81 1.23 -7.94
C LEU B 173 3.39 0.87 -6.53
N SER B 174 2.10 0.99 -6.29
CA SER B 174 1.54 0.83 -4.98
C SER B 174 1.61 -0.61 -4.54
N GLN B 175 1.31 -1.50 -5.45
CA GLN B 175 1.45 -2.92 -5.18
C GLN B 175 2.85 -3.30 -4.72
N HIS B 176 3.88 -2.72 -5.32
CA HIS B 176 5.22 -3.11 -4.92
C HIS B 176 5.77 -2.16 -3.87
N ASN B 177 4.90 -1.28 -3.38
CA ASN B 177 5.27 -0.39 -2.29
C ASN B 177 6.42 0.56 -2.61
N PHE B 178 6.42 1.06 -3.84
CA PHE B 178 7.33 2.13 -4.18
C PHE B 178 6.95 3.37 -3.40
N PRO B 179 7.93 4.18 -3.04
CA PRO B 179 7.75 5.47 -2.41
C PRO B 179 6.80 6.39 -3.19
N HIS B 180 6.15 7.35 -2.53
CA HIS B 180 5.36 8.36 -3.25
C HIS B 180 6.28 9.27 -4.03
N GLY B 181 5.89 9.56 -5.26
CA GLY B 181 6.63 10.50 -6.06
C GLY B 181 5.73 11.18 -7.04
N VAL B 182 6.29 12.05 -7.83
CA VAL B 182 5.64 12.72 -8.93
C VAL B 182 5.60 11.74 -10.07
N VAL B 183 4.41 11.42 -10.59
CA VAL B 183 4.35 10.51 -11.74
C VAL B 183 3.97 11.26 -13.01
N SER B 184 4.75 11.15 -14.06
CA SER B 184 4.40 11.92 -15.26
C SER B 184 4.30 11.01 -16.46
N PHE B 185 3.28 11.26 -17.27
CA PHE B 185 3.06 10.46 -18.45
C PHE B 185 3.28 11.22 -19.73
N CYS B 186 3.35 10.48 -20.84
CA CYS B 186 3.47 11.07 -22.19
C CYS B 186 2.31 10.69 -23.10
N ASP B 187 1.96 11.58 -24.03
CA ASP B 187 0.88 11.33 -24.97
C ASP B 187 1.40 11.08 -26.38
N THR B 190 3.44 12.41 -31.25
CA THR B 190 4.54 12.68 -32.17
C THR B 190 5.80 11.93 -31.74
N HIS B 191 6.75 11.82 -32.68
CA HIS B 191 8.01 11.14 -32.43
C HIS B 191 7.83 9.76 -31.79
N ASP B 192 8.46 9.56 -30.64
CA ASP B 192 8.37 8.31 -29.93
C ASP B 192 8.46 8.63 -28.46
N PRO B 193 7.86 7.80 -27.62
CA PRO B 193 7.89 8.11 -26.19
C PRO B 193 9.27 8.57 -25.70
N LEU B 194 10.33 7.93 -26.21
CA LEU B 194 11.68 8.25 -25.76
C LEU B 194 11.98 9.71 -25.99
N ARG B 195 11.59 10.23 -27.13
CA ARG B 195 11.84 11.64 -27.41
C ARG B 195 10.84 12.57 -26.72
N GLN B 196 9.62 12.08 -26.48
CA GLN B 196 8.64 12.84 -25.70
C GLN B 196 9.16 12.97 -24.23
N LYS B 197 9.70 11.87 -23.69
CA LYS B 197 10.29 11.88 -22.34
C LYS B 197 11.41 12.91 -22.35
N ALA B 198 12.27 12.86 -23.36
CA ALA B 198 13.37 13.82 -23.47
C ALA B 198 12.91 15.28 -23.45
N MET B 199 11.87 15.57 -24.22
CA MET B 199 11.40 16.94 -24.30
C MET B 199 10.73 17.33 -22.99
N PHE B 200 9.91 16.43 -22.44
CA PHE B 200 9.23 16.78 -21.19
C PHE B 200 10.16 17.10 -20.06
N LEU B 201 11.17 16.26 -19.83
CA LEU B 201 12.04 16.49 -18.70
C LEU B 201 12.80 17.79 -18.84
N GLN B 202 13.21 18.13 -20.07
CA GLN B 202 13.88 19.42 -20.23
C GLN B 202 12.98 20.59 -19.81
N SER B 203 11.73 20.57 -20.24
CA SER B 203 10.83 21.68 -19.86
C SER B 203 10.51 21.60 -18.37
N LEU B 204 10.41 20.40 -17.84
CA LEU B 204 10.15 20.32 -16.41
C LEU B 204 11.25 21.00 -15.60
N VAL B 205 12.52 20.74 -15.93
CA VAL B 205 13.63 21.26 -15.13
C VAL B 205 13.68 22.79 -15.13
N GLN B 206 13.44 23.39 -16.30
CA GLN B 206 13.54 24.83 -16.44
C GLN B 206 12.29 25.55 -15.93
N GLU B 207 11.18 24.85 -15.93
CA GLU B 207 9.90 25.41 -15.50
C GLU B 207 9.81 25.42 -13.97
N VAL B 208 10.16 24.31 -13.33
CA VAL B 208 10.11 24.20 -11.88
C VAL B 208 11.48 24.53 -11.21
N GLU B 209 12.54 24.54 -12.03
CA GLU B 209 13.90 24.87 -11.61
C GLU B 209 14.50 23.78 -10.73
N LEU B 210 14.20 22.54 -11.07
CA LEU B 210 14.72 21.39 -10.35
C LEU B 210 16.18 21.13 -10.66
N ASN B 211 16.90 20.59 -9.69
CA ASN B 211 18.25 20.14 -9.94
C ASN B 211 18.29 18.61 -9.99
N ILE B 212 18.35 18.03 -11.18
CA ILE B 212 18.36 16.58 -11.24
C ILE B 212 19.77 16.06 -10.97
N VAL B 213 19.92 15.31 -9.88
CA VAL B 213 21.25 14.90 -9.42
C VAL B 213 21.53 13.48 -9.86
N ALA B 214 20.48 12.76 -10.25
CA ALA B 214 20.64 11.41 -10.74
C ALA B 214 19.46 10.98 -11.59
N GLY B 215 19.72 10.18 -12.62
CA GLY B 215 18.71 9.60 -13.50
C GLY B 215 18.90 8.09 -13.68
N TYR B 216 17.84 7.31 -13.52
CA TYR B 216 17.89 5.86 -13.67
C TYR B 216 17.05 5.46 -14.88
N GLY B 217 17.51 4.48 -15.64
CA GLY B 217 16.73 3.95 -16.74
C GLY B 217 17.49 2.86 -17.48
N SER B 218 17.13 2.68 -18.74
CA SER B 218 17.76 1.70 -19.63
C SER B 218 18.71 2.39 -20.56
N PRO B 219 19.48 1.61 -21.34
CA PRO B 219 20.50 2.18 -22.23
C PRO B 219 19.96 3.26 -23.14
N LYS B 220 18.76 3.11 -23.65
CA LYS B 220 18.26 4.12 -24.57
C LYS B 220 17.97 5.40 -23.83
N ASP B 221 17.81 5.34 -22.51
CA ASP B 221 17.59 6.54 -21.71
C ASP B 221 18.87 7.37 -21.53
N VAL B 222 20.05 6.81 -21.80
CA VAL B 222 21.28 7.57 -21.60
C VAL B 222 21.29 8.87 -22.43
N ALA B 223 20.81 8.83 -23.65
CA ALA B 223 20.79 10.05 -24.45
C ALA B 223 19.81 11.05 -23.84
N VAL B 224 18.77 10.56 -23.19
CA VAL B 224 17.87 11.50 -22.55
C VAL B 224 18.54 12.28 -21.42
N TYR B 225 19.16 11.56 -20.49
CA TYR B 225 19.78 12.17 -19.33
C TYR B 225 20.94 13.08 -19.77
N ALA B 226 21.70 12.67 -20.80
CA ALA B 226 22.75 13.54 -21.35
C ALA B 226 22.13 14.82 -21.94
N ALA B 227 21.01 14.67 -22.63
CA ALA B 227 20.31 15.83 -23.19
C ALA B 227 19.87 16.76 -22.08
N LEU B 228 19.66 16.21 -20.89
CA LEU B 228 19.32 17.04 -19.75
C LEU B 228 20.53 17.75 -19.13
N GLY B 229 21.73 17.24 -19.40
CA GLY B 229 22.92 17.80 -18.82
C GLY B 229 23.48 17.00 -17.66
N LEU B 230 22.96 15.81 -17.42
CA LEU B 230 23.53 14.97 -16.36
C LEU B 230 24.88 14.45 -16.77
N SER B 231 25.79 14.37 -15.82
CA SER B 231 27.08 13.77 -16.11
C SER B 231 26.96 12.27 -16.13
N PRO B 232 27.86 11.60 -16.86
CA PRO B 232 27.91 10.14 -16.93
C PRO B 232 27.89 9.44 -15.58
N SER B 233 28.49 10.09 -14.59
CA SER B 233 28.58 9.54 -13.26
C SER B 233 27.26 9.72 -12.50
N GLN B 234 26.39 10.61 -12.97
CA GLN B 234 25.08 10.74 -12.34
C GLN B 234 24.03 9.85 -13.05
N THR B 235 24.47 9.11 -14.07
CA THR B 235 23.57 8.35 -14.93
C THR B 235 23.68 6.84 -14.68
N TYR B 236 22.66 6.29 -14.07
CA TYR B 236 22.71 4.90 -13.64
C TYR B 236 21.82 4.00 -14.50
N ILE B 237 22.42 3.00 -15.13
CA ILE B 237 21.71 2.20 -16.13
C ILE B 237 21.69 0.72 -15.85
N VAL B 238 20.52 0.13 -15.75
CA VAL B 238 20.46 -1.28 -15.43
C VAL B 238 20.71 -2.14 -16.63
N GLY B 239 21.13 -3.38 -16.37
CA GLY B 239 21.29 -4.30 -17.46
C GLY B 239 22.71 -4.49 -17.94
N ARG B 240 22.79 -5.06 -19.14
CA ARG B 240 24.06 -5.38 -19.74
C ARG B 240 24.77 -4.09 -20.11
N ALA B 241 26.08 -4.08 -19.91
CA ALA B 241 26.92 -2.99 -20.38
C ALA B 241 26.77 -2.92 -21.89
N VAL B 242 26.66 -1.72 -22.43
CA VAL B 242 26.66 -1.58 -23.86
C VAL B 242 27.92 -0.81 -24.19
N ARG B 243 28.74 -1.41 -25.04
CA ARG B 243 30.09 -0.94 -25.23
C ARG B 243 30.12 0.50 -25.67
N LYS B 244 29.27 0.88 -26.60
CA LYS B 244 29.27 2.27 -27.07
C LYS B 244 28.97 3.28 -25.93
N LEU B 245 28.31 2.81 -24.88
CA LEU B 245 27.84 3.69 -23.80
C LEU B 245 28.64 3.63 -22.50
N GLN B 246 29.77 2.92 -22.51
CA GLN B 246 30.45 2.62 -21.25
C GLN B 246 30.95 3.90 -20.56
N ALA B 247 31.44 4.86 -21.33
CA ALA B 247 31.95 6.07 -20.72
C ALA B 247 30.86 7.13 -20.58
N GLN B 248 29.65 6.81 -21.02
CA GLN B 248 28.54 7.75 -21.01
C GLN B 248 27.67 7.59 -19.74
N CYS B 249 27.88 6.52 -18.97
CA CYS B 249 26.96 6.21 -17.87
C CYS B 249 27.58 5.19 -16.92
N GLN B 250 26.93 4.97 -15.78
CA GLN B 250 27.30 3.85 -14.90
C GLN B 250 26.37 2.65 -15.00
N PHE B 251 26.90 1.50 -15.41
CA PHE B 251 26.06 0.32 -15.49
C PHE B 251 25.95 -0.35 -14.14
N LEU B 252 24.73 -0.67 -13.75
CA LEU B 252 24.50 -1.33 -12.47
C LEU B 252 24.58 -2.81 -12.70
N SER B 253 25.79 -3.24 -12.99
CA SER B 253 26.06 -4.58 -13.45
C SER B 253 25.71 -5.64 -12.41
N ASP B 254 26.00 -5.32 -11.15
CA ASP B 254 25.79 -6.26 -10.06
C ASP B 254 24.36 -6.29 -9.55
N GLY B 255 23.52 -5.38 -10.04
CA GLY B 255 22.14 -5.36 -9.60
C GLY B 255 21.92 -4.22 -8.64
N TYR B 256 20.68 -4.08 -8.17
CA TYR B 256 20.35 -2.93 -7.32
C TYR B 256 20.85 -3.01 -5.88
N VAL B 257 20.82 -4.22 -5.31
CA VAL B 257 21.28 -4.44 -3.95
C VAL B 257 22.70 -3.98 -3.79
N ALA B 258 23.55 -4.45 -4.69
CA ALA B 258 24.94 -4.05 -4.66
C ALA B 258 25.07 -2.55 -4.77
N HIS B 259 24.24 -1.96 -5.62
CA HIS B 259 24.30 -0.51 -5.87
C HIS B 259 23.93 0.26 -4.61
N LEU B 260 22.98 -0.25 -3.84
CA LEU B 260 22.55 0.43 -2.63
C LEU B 260 23.74 0.48 -1.65
N GLY B 261 24.52 -0.60 -1.59
CA GLY B 261 25.67 -0.64 -0.70
C GLY B 261 26.60 0.50 -1.06
N GLN B 262 26.74 0.77 -2.36
CA GLN B 262 27.60 1.84 -2.79
C GLN B 262 27.03 3.20 -2.32
N LEU B 263 25.72 3.34 -2.45
CA LEU B 263 25.06 4.61 -2.11
C LEU B 263 25.13 4.89 -0.62
N GLU B 264 24.98 3.83 0.17
CA GLU B 264 25.00 3.92 1.62
C GLU B 264 26.40 4.12 2.14
N ALA B 265 27.37 3.72 1.32
CA ALA B 265 28.77 4.03 1.59
C ALA B 265 29.19 5.40 1.05
N GLY B 266 28.26 6.20 0.55
CA GLY B 266 28.57 7.56 0.12
C GLY B 266 29.24 7.68 -1.25
N SER B 267 28.80 6.83 -2.18
CA SER B 267 29.30 6.75 -3.59
C SER B 267 29.02 7.98 -4.50
N HIS B 268 27.86 8.60 -4.36
CA HIS B 268 27.46 9.68 -5.25
C HIS B 268 28.34 10.91 -5.09
N ASN C 8 -15.86 -46.24 -1.35
CA ASN C 8 -16.32 -46.45 -2.72
C ASN C 8 -16.88 -45.18 -3.34
N VAL C 9 -17.55 -44.36 -2.54
CA VAL C 9 -18.31 -43.22 -3.04
C VAL C 9 -17.50 -42.18 -3.80
N THR C 10 -18.12 -41.68 -4.87
CA THR C 10 -17.56 -40.72 -5.82
C THR C 10 -17.37 -39.28 -5.28
N SER C 11 -16.27 -38.65 -5.69
CA SER C 11 -15.99 -37.28 -5.26
C SER C 11 -16.86 -36.29 -6.02
N ASN C 12 -17.25 -35.22 -5.35
CA ASN C 12 -17.92 -34.10 -5.98
C ASN C 12 -17.30 -32.81 -5.43
N HIS C 13 -16.03 -32.60 -5.75
CA HIS C 13 -15.34 -31.39 -5.33
C HIS C 13 -15.63 -30.26 -6.30
N ARG C 14 -15.66 -29.06 -5.77
CA ARG C 14 -15.81 -27.91 -6.63
C ARG C 14 -15.03 -26.74 -6.06
N ALA C 15 -14.53 -25.93 -6.97
CA ALA C 15 -13.91 -24.66 -6.64
C ALA C 15 -14.63 -23.53 -7.39
N SER C 16 -14.74 -22.37 -6.77
CA SER C 16 -15.42 -21.23 -7.39
C SER C 16 -14.48 -20.61 -8.44
N ASP C 17 -14.96 -20.37 -9.65
CA ASP C 17 -14.21 -19.52 -10.60
C ASP C 17 -13.94 -18.16 -9.95
N THR C 18 -12.70 -17.70 -9.91
CA THR C 18 -12.43 -16.43 -9.23
C THR C 18 -12.13 -15.35 -10.25
N VAL C 19 -12.81 -14.21 -10.12
CA VAL C 19 -12.54 -13.09 -11.00
C VAL C 19 -12.03 -11.94 -10.16
N VAL C 20 -10.88 -11.42 -10.52
CA VAL C 20 -10.24 -10.43 -9.68
C VAL C 20 -9.55 -9.38 -10.55
N CYS C 21 -9.65 -8.14 -10.10
CA CYS C 21 -9.00 -7.04 -10.75
C CYS C 21 -7.49 -7.10 -10.44
N GLU C 22 -6.66 -6.87 -11.46
CA GLU C 22 -5.20 -6.96 -11.33
C GLU C 22 -4.73 -6.03 -10.21
N GLY C 23 -3.72 -6.48 -9.47
CA GLY C 23 -3.21 -5.73 -8.33
C GLY C 23 -3.86 -5.99 -6.98
N ARG C 24 -5.04 -6.61 -6.99
CA ARG C 24 -5.78 -6.90 -5.77
C ARG C 24 -5.43 -8.29 -5.24
N PRO C 25 -5.67 -8.54 -3.94
CA PRO C 25 -5.44 -9.90 -3.44
C PRO C 25 -6.20 -10.94 -4.25
N GLN C 26 -5.54 -12.04 -4.55
CA GLN C 26 -6.13 -13.13 -5.30
C GLN C 26 -6.42 -14.29 -4.35
N VAL C 27 -7.70 -14.66 -4.24
CA VAL C 27 -8.14 -15.73 -3.35
C VAL C 27 -8.89 -16.82 -4.13
N LEU C 28 -8.46 -18.06 -3.95
CA LEU C 28 -9.15 -19.19 -4.54
C LEU C 28 -9.94 -19.94 -3.45
N ASN C 29 -11.11 -20.49 -3.82
CA ASN C 29 -11.93 -21.22 -2.84
C ASN C 29 -12.37 -22.58 -3.36
N GLY C 30 -12.45 -23.55 -2.45
CA GLY C 30 -12.88 -24.89 -2.82
C GLY C 30 -13.64 -25.62 -1.71
N ARG C 31 -14.37 -26.65 -2.10
CA ARG C 31 -15.09 -27.48 -1.17
C ARG C 31 -14.97 -28.95 -1.58
N PHE C 32 -14.86 -29.84 -0.60
CA PHE C 32 -14.51 -31.21 -0.92
C PHE C 32 -15.49 -32.17 -0.25
N MET C 33 -16.19 -32.94 -1.08
CA MET C 33 -17.32 -33.75 -0.64
C MET C 33 -17.43 -35.00 -1.50
N TYR C 34 -18.09 -36.03 -0.98
CA TYR C 34 -18.30 -37.30 -1.70
C TYR C 34 -19.76 -37.75 -1.64
N GLY C 35 -20.20 -38.48 -2.66
CA GLY C 35 -21.50 -39.13 -2.61
C GLY C 35 -22.65 -38.32 -3.15
N PRO C 36 -23.77 -38.98 -3.48
CA PRO C 36 -24.89 -38.13 -3.90
C PRO C 36 -25.36 -37.22 -2.75
N LEU C 37 -25.79 -36.00 -3.13
CA LEU C 37 -26.30 -34.99 -2.22
C LEU C 37 -25.37 -34.63 -1.06
N ASP C 38 -24.06 -34.75 -1.29
CA ASP C 38 -23.06 -34.34 -0.28
C ASP C 38 -23.15 -35.13 1.07
N VAL C 39 -23.37 -36.44 0.97
CA VAL C 39 -23.44 -37.29 2.16
C VAL C 39 -22.15 -37.27 2.98
N VAL C 40 -21.01 -37.19 2.30
CA VAL C 40 -19.71 -37.20 2.97
C VAL C 40 -19.01 -35.84 2.83
N THR C 41 -18.59 -35.25 3.95
CA THR C 41 -17.84 -34.00 3.99
C THR C 41 -16.38 -34.32 4.29
N LEU C 42 -15.46 -33.82 3.48
CA LEU C 42 -14.03 -34.11 3.67
C LEU C 42 -13.39 -33.14 4.63
N THR C 43 -13.27 -33.54 5.89
CA THR C 43 -12.81 -32.64 6.97
C THR C 43 -11.34 -32.85 7.37
N GLY C 44 -10.63 -31.75 7.60
CA GLY C 44 -9.25 -31.78 8.07
C GLY C 44 -8.22 -32.53 7.23
N GLU C 45 -8.39 -32.49 5.91
CA GLU C 45 -7.45 -33.16 5.00
C GLU C 45 -6.70 -32.12 4.18
N LYS C 46 -5.47 -32.47 3.81
CA LYS C 46 -4.63 -31.59 3.02
C LYS C 46 -5.08 -31.50 1.58
N VAL C 47 -5.18 -30.28 1.05
CA VAL C 47 -5.46 -30.14 -0.38
C VAL C 47 -4.34 -29.28 -0.99
N ASP C 48 -3.77 -29.77 -2.09
CA ASP C 48 -2.73 -29.02 -2.78
C ASP C 48 -3.38 -28.16 -3.86
N VAL C 49 -2.96 -26.91 -3.96
CA VAL C 49 -3.51 -26.01 -4.96
C VAL C 49 -2.51 -25.79 -6.05
N TYR C 50 -2.89 -26.12 -7.28
CA TYR C 50 -2.03 -25.95 -8.45
C TYR C 50 -2.63 -24.91 -9.39
N VAL C 51 -1.74 -24.15 -10.02
CA VAL C 51 -2.10 -23.17 -11.04
C VAL C 51 -1.29 -23.43 -12.30
N MET C 52 -1.94 -23.47 -13.45
CA MET C 52 -1.22 -23.56 -14.72
C MET C 52 -0.86 -22.16 -15.19
N THR C 53 0.25 -21.60 -14.69
CA THR C 53 0.59 -20.21 -14.98
C THR C 53 0.83 -19.95 -16.46
N GLN C 54 1.31 -20.95 -17.19
CA GLN C 54 1.35 -20.85 -18.65
C GLN C 54 0.31 -21.78 -19.29
N PRO C 55 -0.91 -21.27 -19.47
CA PRO C 55 -2.09 -22.08 -19.82
C PRO C 55 -1.86 -23.03 -20.99
N LEU C 56 -0.89 -22.76 -21.86
CA LEU C 56 -0.70 -23.62 -23.03
C LEU C 56 0.40 -24.63 -22.74
N SER C 57 1.07 -24.46 -21.61
CA SER C 57 2.23 -25.29 -21.25
C SER C 57 1.78 -26.64 -20.73
N GLY C 58 0.56 -26.69 -20.19
CA GLY C 58 0.04 -27.91 -19.60
C GLY C 58 0.76 -28.24 -18.30
N LYS C 59 1.59 -27.33 -17.85
CA LYS C 59 2.38 -27.59 -16.67
C LYS C 59 1.73 -26.97 -15.44
N TRP C 60 1.41 -27.83 -14.46
CA TRP C 60 0.76 -27.39 -13.23
C TRP C 60 1.82 -26.99 -12.23
N ILE C 61 1.59 -25.87 -11.56
CA ILE C 61 2.58 -25.35 -10.62
C ILE C 61 2.00 -25.40 -9.21
N HIS C 62 2.71 -26.05 -8.30
CA HIS C 62 2.27 -26.08 -6.92
C HIS C 62 2.40 -24.69 -6.33
N PHE C 63 1.28 -24.13 -5.86
CA PHE C 63 1.24 -22.80 -5.25
C PHE C 63 1.18 -22.89 -3.75
N GLY C 64 0.68 -24.01 -3.24
CA GLY C 64 0.58 -24.14 -1.80
C GLY C 64 -0.41 -25.20 -1.35
N THR C 65 -0.72 -25.14 -0.06
CA THR C 65 -1.52 -26.18 0.58
C THR C 65 -2.45 -25.63 1.63
N GLU C 66 -3.62 -26.23 1.74
CA GLU C 66 -4.50 -25.87 2.84
C GLU C 66 -5.08 -27.13 3.46
N VAL C 67 -5.69 -26.96 4.64
CA VAL C 67 -6.36 -28.05 5.33
C VAL C 67 -7.85 -27.70 5.36
N THR C 68 -8.72 -28.60 4.88
CA THR C 68 -10.16 -28.32 4.87
C THR C 68 -10.72 -28.24 6.28
N ASN C 69 -11.72 -27.36 6.46
CA ASN C 69 -12.39 -27.18 7.75
C ASN C 69 -13.58 -28.15 7.97
N SER C 70 -14.33 -27.97 9.06
CA SER C 70 -15.45 -28.85 9.44
C SER C 70 -16.53 -28.91 8.38
N SER C 71 -16.57 -27.93 7.48
CA SER C 71 -17.53 -27.90 6.38
C SER C 71 -16.95 -28.39 5.01
N GLY C 72 -15.71 -28.91 5.04
CA GLY C 72 -15.02 -29.40 3.85
C GLY C 72 -14.46 -28.27 2.98
N ARG C 73 -14.48 -27.07 3.52
CA ARG C 73 -14.13 -25.88 2.76
C ARG C 73 -12.68 -25.43 2.98
N LEU C 74 -12.10 -24.84 1.94
CA LEU C 74 -10.74 -24.36 1.98
C LEU C 74 -10.58 -23.00 1.32
N THR C 75 -9.80 -22.13 1.93
CA THR C 75 -9.53 -20.81 1.39
C THR C 75 -8.03 -20.69 1.17
N PHE C 76 -7.62 -20.28 -0.02
CA PHE C 76 -6.20 -20.16 -0.28
C PHE C 76 -5.80 -18.82 -0.87
N PRO C 77 -5.06 -18.01 -0.07
CA PRO C 77 -4.53 -16.74 -0.59
C PRO C 77 -3.35 -16.96 -1.48
N VAL C 78 -3.38 -16.36 -2.67
CA VAL C 78 -2.27 -16.45 -3.61
C VAL C 78 -1.20 -15.52 -3.06
N PRO C 79 0.00 -16.09 -2.83
CA PRO C 79 1.19 -15.40 -2.32
C PRO C 79 1.54 -14.18 -3.18
N SER C 80 1.87 -13.02 -2.57
CA SER C 80 2.17 -11.79 -3.33
C SER C 80 3.16 -12.05 -4.45
N GLU C 81 4.22 -12.79 -4.13
CA GLU C 81 5.27 -13.03 -5.09
C GLU C 81 4.86 -13.96 -6.23
N ARG C 82 3.68 -14.59 -6.15
CA ARG C 82 3.23 -15.48 -7.23
C ARG C 82 1.96 -15.02 -7.92
N ALA C 83 1.48 -13.84 -7.54
CA ALA C 83 0.26 -13.27 -8.11
C ALA C 83 0.31 -13.27 -9.64
N LEU C 84 -0.82 -13.59 -10.26
CA LEU C 84 -0.87 -13.65 -11.70
C LEU C 84 -1.30 -12.31 -12.30
N GLY C 85 -0.65 -11.92 -13.39
CA GLY C 85 -1.06 -10.75 -14.14
C GLY C 85 -2.29 -11.09 -14.96
N ILE C 86 -2.78 -10.15 -15.74
CA ILE C 86 -4.00 -10.30 -16.52
C ILE C 86 -3.98 -11.60 -17.34
N GLY C 87 -5.10 -12.34 -17.29
CA GLY C 87 -5.24 -13.60 -17.99
C GLY C 87 -6.24 -14.57 -17.37
N VAL C 88 -6.40 -15.73 -18.00
CA VAL C 88 -7.31 -16.79 -17.57
C VAL C 88 -6.49 -18.05 -17.28
N TYR C 89 -6.48 -18.48 -16.02
CA TYR C 89 -5.61 -19.58 -15.59
C TYR C 89 -6.36 -20.78 -15.02
N PRO C 90 -6.12 -21.97 -15.59
CA PRO C 90 -6.62 -23.18 -14.94
C PRO C 90 -6.12 -23.32 -13.50
N VAL C 91 -7.02 -23.81 -12.64
CA VAL C 91 -6.70 -24.09 -11.26
C VAL C 91 -7.11 -25.54 -11.00
N ARG C 92 -6.28 -26.29 -10.27
CA ARG C 92 -6.70 -27.61 -9.88
C ARG C 92 -6.36 -27.80 -8.42
N MET C 93 -7.34 -28.24 -7.63
CA MET C 93 -7.10 -28.47 -6.21
C MET C 93 -7.19 -29.97 -5.98
N VAL C 94 -6.07 -30.56 -5.53
CA VAL C 94 -5.93 -32.01 -5.45
C VAL C 94 -5.85 -32.46 -4.01
N VAL C 95 -6.79 -33.32 -3.63
CA VAL C 95 -6.75 -33.95 -2.33
C VAL C 95 -5.58 -34.91 -2.31
N ARG C 96 -4.61 -34.62 -1.45
CA ARG C 96 -3.50 -35.52 -1.22
C ARG C 96 -4.11 -36.71 -0.48
N GLY C 97 -3.90 -37.91 -1.00
CA GLY C 97 -4.49 -39.04 -0.32
C GLY C 97 -5.41 -39.84 -1.21
N ASP C 98 -6.24 -39.16 -2.00
CA ASP C 98 -7.14 -39.81 -2.94
C ASP C 98 -6.90 -39.35 -4.38
N HIS C 99 -6.18 -38.26 -4.54
CA HIS C 99 -5.81 -37.82 -5.85
C HIS C 99 -7.06 -37.31 -6.56
N THR C 100 -8.16 -37.20 -5.82
CA THR C 100 -9.34 -36.56 -6.42
C THR C 100 -9.20 -35.05 -6.31
N TYR C 101 -9.93 -34.36 -7.17
CA TYR C 101 -9.71 -32.93 -7.28
C TYR C 101 -10.91 -32.13 -7.80
N ALA C 102 -10.76 -30.80 -7.72
CA ALA C 102 -11.73 -29.87 -8.25
C ALA C 102 -10.99 -29.02 -9.23
N GLU C 103 -11.69 -28.52 -10.25
CA GLU C 103 -11.10 -27.57 -11.19
C GLU C 103 -11.94 -26.30 -11.34
N CYS C 104 -11.23 -25.21 -11.59
CA CYS C 104 -11.82 -23.90 -11.83
C CYS C 104 -10.81 -23.00 -12.55
N CYS C 105 -11.20 -21.78 -12.91
CA CYS C 105 -10.25 -20.85 -13.52
C CYS C 105 -10.14 -19.58 -12.66
N LEU C 106 -8.92 -19.04 -12.60
CA LEU C 106 -8.70 -17.76 -12.00
C LEU C 106 -8.54 -16.75 -13.14
N THR C 107 -9.43 -15.76 -13.15
CA THR C 107 -9.49 -14.74 -14.19
C THR C 107 -9.09 -13.39 -13.67
N VAL C 108 -7.95 -12.92 -14.16
CA VAL C 108 -7.41 -11.66 -13.71
C VAL C 108 -7.64 -10.64 -14.80
N VAL C 109 -8.27 -9.53 -14.43
CA VAL C 109 -8.64 -8.51 -15.41
C VAL C 109 -8.18 -7.13 -14.98
N SER C 110 -8.06 -6.25 -15.99
CA SER C 110 -7.88 -4.82 -15.74
C SER C 110 -9.20 -4.18 -15.41
N ARG C 111 -9.11 -3.04 -14.74
CA ARG C 111 -10.29 -2.24 -14.44
C ARG C 111 -11.08 -1.85 -15.72
N GLY C 112 -12.41 -2.00 -15.63
CA GLY C 112 -13.35 -1.66 -16.71
C GLY C 112 -13.47 -2.66 -17.85
N THR C 113 -12.92 -3.86 -17.64
CA THR C 113 -13.02 -4.92 -18.64
C THR C 113 -14.50 -5.18 -18.95
N GLU C 114 -14.85 -5.28 -20.22
CA GLU C 114 -16.25 -5.47 -20.61
C GLU C 114 -16.67 -6.92 -20.65
N ALA C 115 -17.84 -7.16 -20.08
CA ALA C 115 -18.36 -8.50 -19.93
C ALA C 115 -19.83 -8.55 -20.32
N VAL C 116 -20.28 -9.76 -20.63
CA VAL C 116 -21.66 -9.99 -20.93
C VAL C 116 -22.11 -11.15 -20.03
N VAL C 117 -23.30 -11.00 -19.43
CA VAL C 117 -23.80 -11.98 -18.47
C VAL C 117 -24.96 -12.79 -19.05
N PHE C 118 -24.89 -14.09 -18.87
CA PHE C 118 -25.97 -14.98 -19.30
C PHE C 118 -26.53 -15.70 -18.08
N SER C 119 -27.84 -15.62 -17.91
CA SER C 119 -28.48 -16.41 -16.89
C SER C 119 -28.59 -17.87 -17.35
N ILE C 120 -27.92 -18.77 -16.62
CA ILE C 120 -27.86 -20.21 -16.90
C ILE C 120 -29.27 -20.80 -16.84
N ASP C 121 -29.99 -20.38 -15.81
CA ASP C 121 -31.36 -20.84 -15.58
C ASP C 121 -32.30 -20.55 -16.78
N GLY C 122 -32.37 -19.28 -17.19
CA GLY C 122 -33.28 -18.79 -18.23
C GLY C 122 -32.94 -18.67 -19.73
N SER C 123 -31.66 -18.46 -20.04
CA SER C 123 -31.28 -18.05 -21.39
C SER C 123 -31.23 -19.17 -22.40
N PHE C 124 -31.01 -20.40 -21.95
CA PHE C 124 -30.60 -21.47 -22.87
C PHE C 124 -31.67 -22.56 -23.01
N THR C 125 -32.58 -22.64 -22.04
CA THR C 125 -33.67 -23.62 -21.97
C THR C 125 -35.09 -23.01 -22.04
N ALA C 126 -36.08 -23.78 -22.50
CA ALA C 126 -37.45 -23.27 -22.66
C ALA C 126 -38.15 -22.98 -21.32
N PRO C 135 -32.50 -31.45 -20.42
CA PRO C 135 -33.16 -30.24 -20.95
C PRO C 135 -32.55 -29.83 -22.27
N LYS C 136 -33.37 -29.42 -23.23
CA LYS C 136 -32.85 -29.09 -24.55
C LYS C 136 -32.48 -27.64 -24.70
N VAL C 137 -31.53 -27.40 -25.60
CA VAL C 137 -30.97 -26.08 -25.88
C VAL C 137 -31.79 -25.23 -26.86
N ARG C 138 -31.81 -23.92 -26.66
CA ARG C 138 -32.43 -23.00 -27.61
C ARG C 138 -31.60 -22.88 -28.90
N ALA C 139 -32.27 -22.75 -30.04
CA ALA C 139 -31.56 -22.65 -31.31
C ALA C 139 -30.79 -21.33 -31.42
N GLY C 140 -29.50 -21.42 -31.75
CA GLY C 140 -28.69 -20.23 -31.97
C GLY C 140 -28.13 -19.56 -30.72
N ALA C 141 -28.49 -20.12 -29.56
CA ALA C 141 -28.03 -19.62 -28.26
C ALA C 141 -26.53 -19.72 -28.17
N VAL C 142 -25.99 -20.90 -28.47
CA VAL C 142 -24.54 -21.10 -28.46
C VAL C 142 -23.84 -20.07 -29.30
N ASP C 143 -24.36 -19.86 -30.49
CA ASP C 143 -23.73 -18.95 -31.45
C ASP C 143 -23.79 -17.49 -30.99
N VAL C 144 -24.86 -17.12 -30.27
CA VAL C 144 -24.98 -15.77 -29.74
C VAL C 144 -23.90 -15.52 -28.70
N VAL C 145 -23.68 -16.52 -27.84
CA VAL C 145 -22.62 -16.45 -26.83
C VAL C 145 -21.26 -16.38 -27.51
N ARG C 146 -21.11 -17.22 -28.54
CA ARG C 146 -19.88 -17.27 -29.32
C ARG C 146 -19.59 -15.93 -29.99
N HIS C 147 -20.65 -15.27 -30.45
CA HIS C 147 -20.46 -13.97 -31.10
C HIS C 147 -19.82 -13.00 -30.15
N TRP C 148 -20.37 -12.95 -28.92
CA TRP C 148 -19.88 -12.02 -27.90
C TRP C 148 -18.43 -12.35 -27.54
N GLN C 149 -18.12 -13.64 -27.43
CA GLN C 149 -16.75 -13.99 -27.09
C GLN C 149 -15.78 -13.66 -28.22
N ASP C 150 -16.13 -13.99 -29.46
CA ASP C 150 -15.19 -13.74 -30.57
C ASP C 150 -14.94 -12.24 -30.72
N SER C 151 -15.90 -11.43 -30.27
CA SER C 151 -15.78 -9.97 -30.34
C SER C 151 -14.97 -9.37 -29.18
N GLY C 152 -14.51 -10.19 -28.24
CA GLY C 152 -13.64 -9.71 -27.18
C GLY C 152 -14.22 -9.49 -25.78
N TYR C 153 -15.41 -10.01 -25.53
CA TYR C 153 -16.10 -9.79 -24.26
C TYR C 153 -15.93 -10.99 -23.31
N LEU C 154 -15.71 -10.69 -22.02
CA LEU C 154 -15.64 -11.74 -21.02
C LEU C 154 -17.02 -12.34 -20.85
N ILE C 155 -17.12 -13.66 -21.01
CA ILE C 155 -18.40 -14.33 -20.89
C ILE C 155 -18.63 -14.74 -19.41
N VAL C 156 -19.77 -14.34 -18.86
CA VAL C 156 -20.11 -14.73 -17.50
C VAL C 156 -21.42 -15.49 -17.47
N TYR C 157 -21.39 -16.72 -16.97
CA TYR C 157 -22.60 -17.54 -16.78
C TYR C 157 -23.03 -17.52 -15.30
N VAL C 158 -24.26 -17.13 -14.99
CA VAL C 158 -24.65 -17.19 -13.60
C VAL C 158 -25.88 -18.06 -13.34
N THR C 159 -25.87 -18.67 -12.17
CA THR C 159 -27.03 -19.42 -11.66
C THR C 159 -27.10 -19.26 -10.15
N GLY C 160 -28.32 -19.33 -9.63
CA GLY C 160 -28.55 -19.29 -8.20
C GLY C 160 -28.37 -20.65 -7.51
N ARG C 161 -28.32 -21.74 -8.28
CA ARG C 161 -28.13 -23.13 -7.77
C ARG C 161 -26.92 -23.28 -6.88
N PRO C 162 -26.98 -24.20 -5.89
CA PRO C 162 -25.76 -24.46 -5.11
C PRO C 162 -24.75 -25.18 -6.01
N ASP C 163 -23.46 -24.94 -5.75
CA ASP C 163 -22.43 -25.51 -6.59
C ASP C 163 -22.29 -27.05 -6.41
N MET C 164 -23.08 -27.68 -5.53
CA MET C 164 -23.15 -29.14 -5.52
C MET C 164 -23.51 -29.73 -6.89
N GLN C 165 -24.27 -28.98 -7.68
CA GLN C 165 -24.64 -29.40 -9.04
C GLN C 165 -23.77 -28.79 -10.12
N LYS C 166 -22.69 -28.11 -9.75
CA LYS C 166 -21.83 -27.48 -10.77
C LYS C 166 -21.34 -28.50 -11.80
N HIS C 167 -20.92 -29.69 -11.36
CA HIS C 167 -20.41 -30.71 -12.32
C HIS C 167 -21.42 -31.03 -13.43
N ARG C 168 -22.69 -31.08 -13.07
CA ARG C 168 -23.72 -31.40 -14.05
C ARG C 168 -23.96 -30.22 -14.99
N VAL C 169 -23.93 -28.99 -14.46
CA VAL C 169 -24.20 -27.84 -15.29
C VAL C 169 -23.04 -27.59 -16.26
N VAL C 170 -21.81 -27.62 -15.76
CA VAL C 170 -20.64 -27.51 -16.64
C VAL C 170 -20.62 -28.63 -17.69
N ALA C 171 -20.96 -29.84 -17.27
CA ALA C 171 -21.03 -30.95 -18.22
C ALA C 171 -22.06 -30.67 -19.31
N TRP C 172 -23.21 -30.14 -18.92
CA TRP C 172 -24.26 -29.77 -19.88
C TRP C 172 -23.79 -28.65 -20.84
N LEU C 173 -23.20 -27.59 -20.29
CA LEU C 173 -22.70 -26.47 -21.10
C LEU C 173 -21.64 -26.92 -22.09
N SER C 174 -20.75 -27.78 -21.63
CA SER C 174 -19.60 -28.23 -22.41
C SER C 174 -20.06 -29.15 -23.56
N GLN C 175 -21.04 -30.00 -23.26
CA GLN C 175 -21.63 -30.89 -24.27
C GLN C 175 -22.21 -30.12 -25.46
N HIS C 176 -22.87 -28.98 -25.23
CA HIS C 176 -23.47 -28.21 -26.33
C HIS C 176 -22.46 -27.23 -26.92
N ASN C 177 -21.22 -27.36 -26.44
CA ASN C 177 -20.08 -26.60 -26.92
C ASN C 177 -20.24 -25.06 -26.70
N PHE C 178 -20.82 -24.65 -25.57
CA PHE C 178 -20.82 -23.22 -25.21
C PHE C 178 -19.40 -22.73 -24.96
N PRO C 179 -19.07 -21.49 -25.33
CA PRO C 179 -17.73 -20.95 -25.03
C PRO C 179 -17.34 -20.98 -23.54
N HIS C 180 -16.03 -21.04 -23.25
CA HIS C 180 -15.54 -20.94 -21.87
C HIS C 180 -15.77 -19.54 -21.35
N GLY C 181 -16.28 -19.48 -20.11
CA GLY C 181 -16.48 -18.23 -19.42
C GLY C 181 -16.37 -18.41 -17.91
N VAL C 182 -16.65 -17.34 -17.21
CA VAL C 182 -16.74 -17.39 -15.77
C VAL C 182 -18.07 -18.05 -15.42
N VAL C 183 -18.02 -19.12 -14.63
CA VAL C 183 -19.25 -19.77 -14.17
C VAL C 183 -19.42 -19.55 -12.68
N SER C 184 -20.59 -19.06 -12.30
CA SER C 184 -20.89 -18.75 -10.92
C SER C 184 -22.14 -19.46 -10.36
N PHE C 185 -21.95 -20.15 -9.22
CA PHE C 185 -23.03 -20.81 -8.49
C PHE C 185 -23.14 -20.26 -7.06
N CYS C 186 -24.17 -20.71 -6.34
CA CYS C 186 -24.26 -20.35 -4.94
C CYS C 186 -23.23 -21.20 -4.16
N ASP C 187 -22.50 -20.44 -3.36
CA ASP C 187 -21.44 -20.81 -2.45
C ASP C 187 -21.84 -21.58 -1.20
N GLY C 188 -23.00 -21.23 -0.67
CA GLY C 188 -23.47 -21.78 0.59
C GLY C 188 -22.85 -21.00 1.75
N LEU C 189 -21.88 -20.12 1.46
CA LEU C 189 -21.25 -19.25 2.47
C LEU C 189 -21.30 -17.76 2.21
N THR C 190 -20.84 -17.39 1.00
CA THR C 190 -20.62 -15.99 0.59
C THR C 190 -21.79 -15.01 0.43
N HIS C 191 -22.88 -15.43 -0.20
CA HIS C 191 -24.02 -14.54 -0.41
C HIS C 191 -25.29 -15.22 0.01
N ASP C 192 -26.26 -14.43 0.47
CA ASP C 192 -27.50 -15.04 0.90
C ASP C 192 -27.99 -15.79 -0.31
N PRO C 193 -28.41 -17.03 -0.10
CA PRO C 193 -28.74 -17.94 -1.21
C PRO C 193 -29.97 -17.48 -2.00
N LEU C 194 -30.94 -16.88 -1.32
CA LEU C 194 -32.14 -16.39 -1.97
C LEU C 194 -31.81 -15.24 -2.96
N ARG C 195 -30.91 -14.35 -2.53
CA ARG C 195 -30.45 -13.21 -3.33
C ARG C 195 -29.10 -13.41 -4.01
N GLN C 196 -28.76 -14.67 -4.32
CA GLN C 196 -27.44 -15.06 -4.87
C GLN C 196 -26.96 -14.42 -6.19
N LYS C 197 -27.79 -14.41 -7.22
CA LYS C 197 -27.40 -13.82 -8.50
C LYS C 197 -27.19 -12.30 -8.32
N ALA C 198 -28.16 -11.65 -7.68
CA ALA C 198 -28.07 -10.23 -7.39
C ALA C 198 -26.79 -9.89 -6.61
N MET C 199 -26.47 -10.68 -5.59
CA MET C 199 -25.30 -10.39 -4.74
C MET C 199 -24.00 -10.65 -5.50
N PHE C 200 -23.93 -11.73 -6.27
CA PHE C 200 -22.71 -12.02 -7.04
C PHE C 200 -22.43 -10.95 -8.12
N LEU C 201 -23.45 -10.58 -8.90
CA LEU C 201 -23.26 -9.62 -9.98
C LEU C 201 -22.90 -8.26 -9.40
N GLN C 202 -23.55 -7.91 -8.29
CA GLN C 202 -23.23 -6.65 -7.65
C GLN C 202 -21.74 -6.58 -7.30
N SER C 203 -21.17 -7.68 -6.80
CA SER C 203 -19.74 -7.71 -6.48
C SER C 203 -18.84 -7.65 -7.75
N LEU C 204 -19.29 -8.24 -8.86
CA LEU C 204 -18.56 -8.10 -10.13
C LEU C 204 -18.45 -6.62 -10.57
N VAL C 205 -19.56 -5.90 -10.44
CA VAL C 205 -19.63 -4.50 -10.80
C VAL C 205 -18.91 -3.58 -9.83
N GLN C 206 -19.09 -3.81 -8.52
CA GLN C 206 -18.48 -2.93 -7.52
C GLN C 206 -17.07 -3.34 -7.07
N GLU C 207 -16.84 -4.64 -6.89
CA GLU C 207 -15.53 -5.13 -6.43
C GLU C 207 -14.52 -5.40 -7.55
N VAL C 208 -14.94 -6.06 -8.62
CA VAL C 208 -14.03 -6.36 -9.71
C VAL C 208 -14.00 -5.20 -10.68
N GLU C 209 -15.03 -4.35 -10.65
CA GLU C 209 -15.07 -3.16 -11.47
C GLU C 209 -15.23 -3.46 -12.96
N LEU C 210 -16.11 -4.39 -13.30
CA LEU C 210 -16.31 -4.80 -14.70
C LEU C 210 -17.50 -4.15 -15.40
N ASN C 211 -17.29 -3.67 -16.62
CA ASN C 211 -18.34 -3.02 -17.37
C ASN C 211 -19.28 -4.12 -17.92
N ILE C 212 -20.40 -4.34 -17.25
CA ILE C 212 -21.35 -5.31 -17.79
C ILE C 212 -22.12 -4.62 -18.91
N VAL C 213 -21.96 -5.06 -20.15
CA VAL C 213 -22.50 -4.29 -21.29
C VAL C 213 -23.79 -4.89 -21.83
N ALA C 214 -24.04 -6.15 -21.47
CA ALA C 214 -25.29 -6.84 -21.84
C ALA C 214 -25.64 -7.96 -20.85
N GLY C 215 -26.91 -8.10 -20.56
CA GLY C 215 -27.35 -9.16 -19.72
C GLY C 215 -28.51 -9.89 -20.38
N TYR C 216 -28.38 -11.21 -20.41
CA TYR C 216 -29.37 -12.09 -20.99
C TYR C 216 -30.08 -12.91 -19.92
N GLY C 217 -31.37 -13.14 -20.11
CA GLY C 217 -32.11 -14.01 -19.21
C GLY C 217 -33.58 -14.10 -19.51
N SER C 218 -34.34 -14.48 -18.50
CA SER C 218 -35.78 -14.54 -18.56
C SER C 218 -36.43 -13.34 -17.82
N PRO C 219 -37.77 -13.21 -17.88
CA PRO C 219 -38.53 -12.07 -17.34
C PRO C 219 -38.19 -11.66 -15.90
N LYS C 220 -38.01 -12.65 -15.02
CA LYS C 220 -37.72 -12.38 -13.63
C LYS C 220 -36.31 -11.78 -13.40
N ASP C 221 -35.41 -11.97 -14.37
CA ASP C 221 -34.05 -11.44 -14.30
C ASP C 221 -33.97 -9.94 -14.58
N VAL C 222 -35.05 -9.39 -15.15
CA VAL C 222 -35.08 -8.00 -15.57
C VAL C 222 -34.87 -7.01 -14.43
N ALA C 223 -35.56 -7.24 -13.31
CA ALA C 223 -35.48 -6.31 -12.20
C ALA C 223 -34.06 -6.32 -11.61
N VAL C 224 -33.42 -7.49 -11.60
CA VAL C 224 -32.03 -7.58 -11.15
C VAL C 224 -31.12 -6.82 -12.13
N TYR C 225 -31.19 -7.13 -13.42
CA TYR C 225 -30.38 -6.44 -14.42
C TYR C 225 -30.59 -4.91 -14.42
N ALA C 226 -31.83 -4.47 -14.24
CA ALA C 226 -32.08 -3.05 -14.16
C ALA C 226 -31.38 -2.44 -12.90
N ALA C 227 -31.49 -3.11 -11.75
CA ALA C 227 -30.88 -2.62 -10.50
C ALA C 227 -29.35 -2.54 -10.54
N LEU C 228 -28.77 -3.41 -11.36
CA LEU C 228 -27.34 -3.53 -11.64
C LEU C 228 -26.82 -2.37 -12.50
N GLY C 229 -27.72 -1.64 -13.16
CA GLY C 229 -27.38 -0.50 -13.99
C GLY C 229 -27.39 -0.72 -15.51
N LEU C 230 -27.88 -1.87 -15.96
CA LEU C 230 -28.04 -2.11 -17.39
C LEU C 230 -29.18 -1.27 -17.94
N SER C 231 -29.00 -0.71 -19.14
CA SER C 231 -30.10 0.00 -19.79
C SER C 231 -31.06 -1.06 -20.36
N PRO C 232 -32.33 -0.70 -20.57
CA PRO C 232 -33.32 -1.59 -21.18
C PRO C 232 -32.88 -2.18 -22.55
N SER C 233 -32.08 -1.45 -23.31
CA SER C 233 -31.56 -1.92 -24.60
C SER C 233 -30.36 -2.88 -24.44
N GLN C 234 -29.80 -2.95 -23.24
CA GLN C 234 -28.72 -3.92 -22.96
C GLN C 234 -29.26 -5.22 -22.34
N THR C 235 -30.56 -5.26 -22.11
CA THR C 235 -31.20 -6.32 -21.36
C THR C 235 -32.00 -7.18 -22.36
N TYR C 236 -31.53 -8.40 -22.62
CA TYR C 236 -32.16 -9.24 -23.64
C TYR C 236 -32.91 -10.37 -22.98
N ILE C 237 -34.21 -10.46 -23.23
CA ILE C 237 -35.03 -11.41 -22.51
C ILE C 237 -35.80 -12.41 -23.39
N VAL C 238 -35.63 -13.70 -23.12
CA VAL C 238 -36.36 -14.76 -23.80
C VAL C 238 -37.76 -14.90 -23.23
N LYS C 244 -46.00 -5.04 -19.65
CA LYS C 244 -45.61 -4.45 -18.37
C LYS C 244 -44.09 -4.27 -18.28
N LEU C 245 -43.36 -5.30 -18.67
CA LEU C 245 -41.89 -5.25 -18.63
C LEU C 245 -41.31 -5.06 -20.02
N GLN C 246 -42.18 -4.83 -21.00
CA GLN C 246 -41.72 -4.71 -22.39
C GLN C 246 -40.75 -3.56 -22.45
N ALA C 247 -41.09 -2.53 -21.71
CA ALA C 247 -40.29 -1.34 -21.62
C ALA C 247 -39.04 -1.53 -20.76
N GLN C 248 -38.94 -2.62 -19.99
CA GLN C 248 -37.75 -2.65 -19.13
C GLN C 248 -36.59 -3.30 -19.87
N CYS C 249 -36.90 -3.89 -21.04
CA CYS C 249 -35.97 -4.79 -21.74
C CYS C 249 -36.31 -5.03 -23.21
N GLN C 250 -35.37 -5.63 -23.93
CA GLN C 250 -35.62 -6.10 -25.28
C GLN C 250 -35.92 -7.59 -25.28
N PHE C 251 -37.14 -7.93 -25.68
CA PHE C 251 -37.53 -9.32 -25.79
C PHE C 251 -36.97 -9.85 -27.12
N LEU C 252 -36.33 -11.01 -27.07
CA LEU C 252 -35.80 -11.59 -28.28
C LEU C 252 -36.90 -12.43 -28.89
N SER C 253 -37.92 -11.74 -29.40
CA SER C 253 -39.17 -12.34 -29.85
C SER C 253 -38.98 -13.30 -31.03
N ASP C 254 -38.05 -12.96 -31.92
CA ASP C 254 -37.76 -13.76 -33.10
C ASP C 254 -36.80 -14.93 -32.86
N GLY C 255 -36.21 -15.03 -31.67
CA GLY C 255 -35.30 -16.13 -31.38
C GLY C 255 -33.84 -15.71 -31.48
N TYR C 256 -32.93 -16.64 -31.20
CA TYR C 256 -31.50 -16.36 -31.15
C TYR C 256 -30.89 -16.25 -32.54
N VAL C 257 -31.40 -17.04 -33.47
CA VAL C 257 -30.92 -17.00 -34.85
C VAL C 257 -31.14 -15.60 -35.41
N ALA C 258 -32.38 -15.13 -35.25
CA ALA C 258 -32.76 -13.78 -35.65
C ALA C 258 -31.93 -12.73 -34.94
N HIS C 259 -31.75 -12.93 -33.64
CA HIS C 259 -31.03 -11.99 -32.80
C HIS C 259 -29.56 -11.90 -33.20
N LEU C 260 -28.98 -13.04 -33.57
CA LEU C 260 -27.57 -13.07 -33.91
C LEU C 260 -27.28 -12.21 -35.14
N GLY C 261 -28.20 -12.21 -36.11
CA GLY C 261 -28.08 -11.36 -37.27
C GLY C 261 -28.18 -9.88 -36.93
N GLN C 262 -29.09 -9.57 -36.00
CA GLN C 262 -29.39 -8.21 -35.57
C GLN C 262 -28.16 -7.56 -34.89
N LEU C 263 -27.50 -8.29 -34.00
CA LEU C 263 -26.35 -7.76 -33.27
C LEU C 263 -25.26 -7.53 -34.30
N GLU C 264 -25.19 -8.42 -35.28
CA GLU C 264 -24.24 -8.32 -36.37
C GLU C 264 -24.73 -7.37 -37.48
#